data_8RNE
#
_entry.id   8RNE
#
_cell.length_a   120.493
_cell.length_b   67.597
_cell.length_c   152.228
_cell.angle_alpha   90.000
_cell.angle_beta   92.780
_cell.angle_gamma   90.000
#
_symmetry.space_group_name_H-M   'C 1 2 1'
#
loop_
_entity.id
_entity.type
_entity.pdbx_description
1 polymer 'HLA class I histocompatibility antigen, E alpha chain variant'
2 polymer Beta-2-microglobulin
3 polymer 'Non-structural protein 7'
4 water water
#
loop_
_entity_poly.entity_id
_entity_poly.type
_entity_poly.pdbx_seq_one_letter_code
_entity_poly.pdbx_strand_id
1 'polypeptide(L)'
;GSHSLKYFHTSVSRPGRGEPRFISVGYVDDTQFVRFDNDAASPRMVPRAPWMEQEGSEYWDRETRSARDTAQIFRVNLRT
LRGYYNQSEAGSHTLQWMHGCELGPDGRFLRGYEQFAYDGKDYLTLNEDLRSWTAVDTAAQISEQKSNDASEAEHQRAYL
EDTCVEWLHKYLEKGKETLLHLEPPKTHVTHHPISDHEATLRCWALGFYPAEITLTWQQDGEGHTQDTELVETRPAGDGT
FQKWAAVVVPSGEEQRYTCHVQHEGLPEPVTLRW
;
A,C,F
2 'polypeptide(L)'
;MIQRTPKIQVYSRHPAENGKSNFLNCYVSGFHPSDIEVDLLKNGERIEKVEHSDLSFSKDWSFYLLYYTEFTPTEKDEYA
CRVNHVTLSQPKIVKWDRDM
;
B,D,G
3 'polypeptide(L)' VMPLSAPTL E,H,P
#
# COMPACT_ATOMS: atom_id res chain seq x y z
N GLY A 1 9.42 -15.49 15.94
CA GLY A 1 9.34 -15.13 17.36
C GLY A 1 8.07 -14.32 17.68
N SER A 2 8.20 -13.42 18.64
CA SER A 2 7.15 -12.45 18.97
C SER A 2 7.01 -11.42 17.85
N HIS A 3 5.81 -10.86 17.71
CA HIS A 3 5.54 -9.80 16.74
C HIS A 3 4.66 -8.79 17.47
N SER A 4 4.65 -7.55 16.96
CA SER A 4 3.91 -6.46 17.57
C SER A 4 3.34 -5.56 16.49
N LEU A 5 2.15 -5.03 16.77
CA LEU A 5 1.54 -3.97 15.99
C LEU A 5 1.40 -2.77 16.92
N LYS A 6 2.07 -1.69 16.56
CA LYS A 6 2.17 -0.51 17.40
C LYS A 6 1.94 0.76 16.60
N TYR A 7 1.36 1.78 17.26
CA TYR A 7 1.23 3.09 16.69
C TYR A 7 1.76 4.13 17.68
N PHE A 8 2.26 5.22 17.09
CA PHE A 8 2.78 6.38 17.80
C PHE A 8 2.12 7.62 17.24
N HIS A 9 1.40 8.35 18.11
CA HIS A 9 0.65 9.52 17.70
C HIS A 9 1.13 10.75 18.47
N THR A 10 1.31 11.85 17.73
CA THR A 10 1.80 13.10 18.32
C THR A 10 0.97 14.27 17.83
N SER A 11 0.56 15.13 18.78
CA SER A 11 -0.12 16.37 18.47
C SER A 11 0.58 17.51 19.18
N VAL A 12 0.95 18.55 18.43
CA VAL A 12 1.73 19.67 18.94
C VAL A 12 1.01 20.97 18.60
N SER A 13 0.69 21.78 19.62
CA SER A 13 0.05 23.06 19.40
C SER A 13 1.09 24.02 18.83
N ARG A 14 0.65 24.90 17.93
CA ARG A 14 1.54 25.84 17.27
C ARG A 14 0.94 27.23 17.41
N PRO A 15 0.97 27.85 18.60
CA PRO A 15 0.17 29.06 18.86
C PRO A 15 0.41 30.14 17.81
N GLY A 16 -0.66 30.58 17.15
CA GLY A 16 -0.61 31.64 16.15
C GLY A 16 0.12 31.23 14.86
N ARG A 17 0.27 29.90 14.64
CA ARG A 17 0.90 29.36 13.45
C ARG A 17 0.03 28.26 12.85
N GLY A 18 -1.30 28.35 13.07
CA GLY A 18 -2.25 27.36 12.60
C GLY A 18 -2.74 26.45 13.72
N GLU A 19 -3.48 25.40 13.34
CA GLU A 19 -3.99 24.42 14.29
C GLU A 19 -2.87 23.46 14.67
N PRO A 20 -3.02 22.61 15.71
CA PRO A 20 -2.02 21.60 16.04
C PRO A 20 -1.62 20.72 14.85
N ARG A 21 -0.34 20.41 14.78
CA ARG A 21 0.19 19.41 13.89
C ARG A 21 -0.11 18.04 14.49
N PHE A 22 -0.66 17.12 13.69
CA PHE A 22 -0.93 15.79 14.20
C PHE A 22 -0.25 14.82 13.24
N ILE A 23 0.46 13.84 13.80
CA ILE A 23 1.10 12.78 13.04
C ILE A 23 0.88 11.46 13.74
N SER A 24 0.49 10.43 12.95
CA SER A 24 0.34 9.06 13.40
C SER A 24 1.27 8.19 12.56
N VAL A 25 2.00 7.28 13.20
CA VAL A 25 2.75 6.29 12.44
C VAL A 25 2.45 4.92 13.01
N GLY A 26 2.33 3.94 12.12
CA GLY A 26 2.12 2.56 12.54
C GLY A 26 3.32 1.70 12.15
N TYR A 27 3.65 0.76 13.03
CA TYR A 27 4.71 -0.20 12.81
C TYR A 27 4.23 -1.63 13.04
N VAL A 28 4.73 -2.56 12.21
CA VAL A 28 4.77 -3.96 12.55
C VAL A 28 6.23 -4.28 12.87
N ASP A 29 6.51 -4.68 14.11
CA ASP A 29 7.88 -4.92 14.55
C ASP A 29 8.68 -3.63 14.34
N ASP A 30 9.78 -3.69 13.55
CA ASP A 30 10.63 -2.54 13.30
C ASP A 30 10.33 -1.91 11.95
N THR A 31 9.19 -2.26 11.31
CA THR A 31 8.91 -1.79 9.97
C THR A 31 7.71 -0.84 9.99
N GLN A 32 7.94 0.40 9.57
CA GLN A 32 6.84 1.35 9.45
C GLN A 32 5.99 0.93 8.26
N PHE A 33 4.65 1.03 8.38
CA PHE A 33 3.83 0.60 7.26
C PHE A 33 2.77 1.63 6.88
N VAL A 34 2.45 2.60 7.75
CA VAL A 34 1.46 3.63 7.45
C VAL A 34 1.87 4.91 8.15
N ARG A 35 1.31 6.03 7.66
CA ARG A 35 1.39 7.29 8.36
C ARG A 35 0.18 8.15 8.02
N PHE A 36 -0.10 9.06 8.93
CA PHE A 36 -1.05 10.12 8.67
C PHE A 36 -0.43 11.41 9.17
N ASP A 37 -0.47 12.46 8.35
CA ASP A 37 0.04 13.76 8.76
C ASP A 37 -0.93 14.83 8.27
N ASN A 38 -1.47 15.66 9.19
CA ASN A 38 -2.46 16.65 8.83
C ASN A 38 -1.83 17.95 8.38
N ASP A 39 -0.50 17.99 8.22
CA ASP A 39 0.16 19.19 7.74
C ASP A 39 0.07 19.21 6.21
N ALA A 40 -1.15 19.37 5.69
CA ALA A 40 -1.41 19.17 4.27
C ALA A 40 -2.92 19.28 4.01
N ALA A 41 -3.28 19.64 2.78
CA ALA A 41 -4.68 19.65 2.35
C ALA A 41 -5.16 18.21 2.15
N SER A 42 -6.41 17.95 2.57
CA SER A 42 -7.07 16.65 2.40
C SER A 42 -6.16 15.50 2.87
N PRO A 43 -5.69 15.51 4.12
CA PRO A 43 -4.73 14.51 4.59
C PRO A 43 -5.37 13.13 4.67
N ARG A 44 -4.58 12.10 4.34
CA ARG A 44 -5.09 10.74 4.29
C ARG A 44 -4.09 9.82 4.98
N MET A 45 -4.56 8.70 5.51
CA MET A 45 -3.63 7.64 5.87
C MET A 45 -3.08 7.06 4.57
N VAL A 46 -1.75 6.89 4.52
CA VAL A 46 -1.09 6.49 3.31
C VAL A 46 -0.14 5.34 3.62
N PRO A 47 0.10 4.45 2.64
CA PRO A 47 1.07 3.37 2.80
C PRO A 47 2.51 3.89 2.90
N ARG A 48 3.29 3.21 3.74
CA ARG A 48 4.69 3.56 3.93
C ARG A 48 5.53 2.29 3.85
N ALA A 49 4.93 1.20 3.39
CA ALA A 49 5.64 -0.02 3.06
C ALA A 49 5.04 -0.58 1.78
N PRO A 50 5.87 -1.18 0.88
CA PRO A 50 5.40 -1.62 -0.44
C PRO A 50 4.25 -2.60 -0.40
N TRP A 51 4.26 -3.47 0.62
CA TRP A 51 3.25 -4.50 0.76
C TRP A 51 1.90 -3.94 1.19
N MET A 52 1.81 -2.65 1.55
CA MET A 52 0.52 -2.04 1.84
C MET A 52 -0.13 -1.37 0.63
N GLU A 53 0.61 -1.25 -0.48
CA GLU A 53 0.15 -0.53 -1.67
C GLU A 53 -1.13 -1.15 -2.23
N GLN A 54 -1.24 -2.47 -2.13
CA GLN A 54 -2.39 -3.21 -2.62
C GLN A 54 -3.69 -2.97 -1.84
N GLU A 55 -3.65 -2.40 -0.61
CA GLU A 55 -4.86 -2.22 0.16
C GLU A 55 -5.82 -1.31 -0.59
N GLY A 56 -7.13 -1.59 -0.48
CA GLY A 56 -8.15 -0.88 -1.24
C GLY A 56 -8.75 0.29 -0.48
N SER A 57 -9.76 0.94 -1.09
CA SER A 57 -10.39 2.11 -0.52
C SER A 57 -11.06 1.81 0.81
N GLU A 58 -11.60 0.61 1.01
CA GLU A 58 -12.25 0.30 2.27
C GLU A 58 -11.26 0.59 3.40
N TYR A 59 -10.02 0.12 3.23
CA TYR A 59 -8.97 0.27 4.22
C TYR A 59 -8.56 1.73 4.39
N TRP A 60 -8.19 2.41 3.29
CA TRP A 60 -7.73 3.78 3.40
C TRP A 60 -8.83 4.71 3.90
N ASP A 61 -10.09 4.47 3.51
CA ASP A 61 -11.16 5.36 3.96
C ASP A 61 -11.39 5.25 5.46
N ARG A 62 -11.38 4.02 5.98
CA ARG A 62 -11.59 3.76 7.39
C ARG A 62 -10.43 4.31 8.22
N GLU A 63 -9.20 4.05 7.78
CA GLU A 63 -8.03 4.50 8.52
C GLU A 63 -7.85 6.04 8.50
N THR A 64 -8.22 6.68 7.39
CA THR A 64 -8.22 8.14 7.33
C THR A 64 -9.29 8.71 8.27
N ARG A 65 -10.47 8.10 8.28
CA ARG A 65 -11.52 8.54 9.20
C ARG A 65 -11.04 8.47 10.65
N SER A 66 -10.40 7.34 11.02
CA SER A 66 -9.95 7.17 12.37
C SER A 66 -8.90 8.20 12.74
N ALA A 67 -7.94 8.43 11.83
CA ALA A 67 -6.86 9.36 12.07
C ALA A 67 -7.39 10.80 12.17
N ARG A 68 -8.28 11.18 11.26
CA ARG A 68 -8.88 12.53 11.26
C ARG A 68 -9.64 12.75 12.57
N ASP A 69 -10.43 11.76 12.98
CA ASP A 69 -11.22 11.84 14.21
C ASP A 69 -10.28 11.92 15.42
N THR A 70 -9.16 11.16 15.42
CA THR A 70 -8.22 11.24 16.51
C THR A 70 -7.60 12.64 16.55
N ALA A 71 -7.19 13.16 15.39
CA ALA A 71 -6.62 14.48 15.34
C ALA A 71 -7.57 15.50 15.97
N GLN A 72 -8.87 15.41 15.66
CA GLN A 72 -9.85 16.35 16.19
C GLN A 72 -9.93 16.24 17.71
N ILE A 73 -9.94 14.99 18.22
CA ILE A 73 -10.09 14.74 19.63
C ILE A 73 -8.84 15.22 20.36
N PHE A 74 -7.67 15.01 19.74
CA PHE A 74 -6.43 15.51 20.32
C PHE A 74 -6.38 17.05 20.36
N ARG A 75 -6.87 17.70 19.32
CA ARG A 75 -7.03 19.16 19.28
C ARG A 75 -7.78 19.61 20.53
N VAL A 76 -8.94 18.99 20.80
CA VAL A 76 -9.74 19.39 21.94
C VAL A 76 -8.97 19.06 23.22
N ASN A 77 -8.28 17.91 23.26
CA ASN A 77 -7.56 17.50 24.44
C ASN A 77 -6.51 18.55 24.80
N LEU A 78 -5.88 19.15 23.79
CA LEU A 78 -4.79 20.11 24.03
C LEU A 78 -5.36 21.34 24.74
N ARG A 79 -6.57 21.77 24.36
CA ARG A 79 -7.20 22.91 25.02
C ARG A 79 -7.53 22.56 26.48
N THR A 80 -8.22 21.43 26.67
CA THR A 80 -8.52 20.94 28.01
C THR A 80 -7.29 20.93 28.90
N LEU A 81 -6.19 20.35 28.40
CA LEU A 81 -5.03 20.16 29.26
C LEU A 81 -4.43 21.51 29.69
N ARG A 82 -4.44 22.52 28.81
CA ARG A 82 -4.05 23.88 29.19
C ARG A 82 -4.94 24.36 30.35
N GLY A 83 -6.25 24.05 30.24
CA GLY A 83 -7.21 24.34 31.31
C GLY A 83 -6.85 23.70 32.63
N TYR A 84 -6.55 22.40 32.63
CA TYR A 84 -6.19 21.69 33.83
C TYR A 84 -4.96 22.30 34.48
N TYR A 85 -3.96 22.69 33.67
CA TYR A 85 -2.67 23.09 34.23
C TYR A 85 -2.50 24.60 34.31
N ASN A 86 -3.54 25.38 33.97
CA ASN A 86 -3.49 26.83 34.11
C ASN A 86 -2.36 27.38 33.25
N GLN A 87 -2.34 26.97 31.97
CA GLN A 87 -1.35 27.41 31.00
C GLN A 87 -2.04 28.30 29.98
N SER A 88 -1.32 29.35 29.53
CA SER A 88 -1.85 30.34 28.62
C SER A 88 -1.85 29.79 27.20
N GLU A 89 -2.36 30.59 26.26
CA GLU A 89 -2.42 30.20 24.86
C GLU A 89 -1.10 30.49 24.13
N ALA A 90 -0.07 30.90 24.89
CA ALA A 90 1.14 31.48 24.33
C ALA A 90 2.19 30.43 23.99
N GLY A 91 2.25 29.36 24.79
CA GLY A 91 3.28 28.34 24.65
C GLY A 91 2.81 27.20 23.75
N SER A 92 3.78 26.41 23.25
CA SER A 92 3.46 25.22 22.48
C SER A 92 3.47 24.01 23.42
N HIS A 93 2.56 23.05 23.18
CA HIS A 93 2.46 21.88 24.04
C HIS A 93 2.28 20.62 23.20
N THR A 94 2.62 19.47 23.81
CA THR A 94 2.65 18.19 23.12
C THR A 94 1.78 17.16 23.85
N LEU A 95 0.98 16.43 23.07
CA LEU A 95 0.25 15.27 23.55
C LEU A 95 0.74 14.10 22.70
N GLN A 96 1.21 13.05 23.37
CA GLN A 96 1.58 11.80 22.72
C GLN A 96 0.71 10.64 23.21
N TRP A 97 0.50 9.68 22.31
CA TRP A 97 -0.32 8.51 22.57
C TRP A 97 0.39 7.35 21.90
N MET A 98 0.75 6.32 22.66
CA MET A 98 1.30 5.10 22.07
C MET A 98 0.49 3.90 22.54
N HIS A 99 0.36 2.90 21.67
CA HIS A 99 -0.35 1.70 22.03
C HIS A 99 0.17 0.57 21.16
N GLY A 100 -0.06 -0.65 21.63
CA GLY A 100 0.38 -1.80 20.86
C GLY A 100 -0.12 -3.12 21.42
N CYS A 101 -0.15 -4.12 20.53
CA CYS A 101 -0.38 -5.48 20.95
C CYS A 101 0.83 -6.33 20.56
N GLU A 102 1.09 -7.34 21.38
CA GLU A 102 2.27 -8.19 21.23
C GLU A 102 1.81 -9.64 21.22
N LEU A 103 2.19 -10.39 20.19
CA LEU A 103 1.95 -11.82 20.15
C LEU A 103 3.21 -12.51 20.66
N GLY A 104 3.04 -13.59 21.42
CA GLY A 104 4.18 -14.42 21.78
C GLY A 104 4.60 -15.36 20.66
N PRO A 105 5.68 -16.16 20.84
CA PRO A 105 6.13 -17.07 19.78
C PRO A 105 5.09 -18.07 19.29
N ASP A 106 4.10 -18.36 20.13
CA ASP A 106 3.07 -19.34 19.84
C ASP A 106 1.94 -18.70 19.04
N GLY A 107 2.06 -17.41 18.77
CA GLY A 107 1.23 -16.77 17.75
C GLY A 107 -0.08 -16.22 18.31
N ARG A 108 -0.17 -16.12 19.64
CA ARG A 108 -1.34 -15.57 20.30
C ARG A 108 -0.96 -14.37 21.18
N PHE A 109 -2.01 -13.63 21.52
CA PHE A 109 -1.88 -12.43 22.33
C PHE A 109 -1.13 -12.72 23.61
N LEU A 110 -0.12 -11.88 23.91
CA LEU A 110 0.62 -11.95 25.14
C LEU A 110 0.38 -10.70 26.00
N ARG A 111 0.31 -9.53 25.37
CA ARG A 111 0.25 -8.28 26.12
C ARG A 111 -0.24 -7.16 25.22
N GLY A 112 -0.92 -6.21 25.83
CA GLY A 112 -1.29 -4.97 25.18
C GLY A 112 -0.98 -3.79 26.10
N TYR A 113 -0.72 -2.62 25.53
CA TYR A 113 -0.41 -1.47 26.34
C TYR A 113 -0.95 -0.23 25.65
N GLU A 114 -1.19 0.81 26.45
CA GLU A 114 -1.54 2.11 25.96
C GLU A 114 -1.15 3.14 27.01
N GLN A 115 -0.59 4.26 26.54
CA GLN A 115 -0.10 5.31 27.42
C GLN A 115 -0.22 6.67 26.74
N PHE A 116 -0.46 7.69 27.56
CA PHE A 116 -0.48 9.08 27.13
C PHE A 116 0.61 9.88 27.87
N ALA A 117 1.22 10.81 27.16
CA ALA A 117 2.16 11.76 27.75
C ALA A 117 1.77 13.17 27.39
N TYR A 118 1.93 14.10 28.36
CA TYR A 118 1.75 15.51 28.13
C TYR A 118 3.07 16.21 28.46
N ASP A 119 3.58 16.94 27.46
CA ASP A 119 4.83 17.67 27.55
C ASP A 119 5.96 16.74 27.98
N GLY A 120 5.99 15.55 27.39
CA GLY A 120 7.15 14.68 27.45
C GLY A 120 7.22 13.83 28.71
N LYS A 121 6.13 13.79 29.48
CA LYS A 121 6.07 12.98 30.69
C LYS A 121 4.77 12.19 30.71
N ASP A 122 4.83 11.03 31.38
CA ASP A 122 3.67 10.19 31.63
C ASP A 122 2.50 11.05 32.13
N TYR A 123 1.29 10.77 31.61
CA TYR A 123 0.09 11.44 32.08
C TYR A 123 -0.94 10.41 32.54
N LEU A 124 -1.32 9.51 31.62
CA LEU A 124 -2.37 8.55 31.87
C LEU A 124 -1.98 7.24 31.20
N THR A 125 -2.05 6.14 31.96
CA THR A 125 -1.59 4.84 31.53
C THR A 125 -2.71 3.82 31.69
N LEU A 126 -2.92 2.98 30.66
CA LEU A 126 -3.82 1.85 30.79
C LEU A 126 -3.11 0.77 31.60
N ASN A 127 -3.79 0.24 32.63
CA ASN A 127 -3.17 -0.79 33.49
C ASN A 127 -3.08 -2.11 32.74
N GLU A 128 -2.28 -3.03 33.29
CA GLU A 128 -1.99 -4.33 32.68
C GLU A 128 -3.26 -5.16 32.47
N ASP A 129 -4.30 -4.99 33.31
CA ASP A 129 -5.56 -5.71 33.14
C ASP A 129 -6.37 -5.17 31.95
N LEU A 130 -5.99 -4.00 31.43
CA LEU A 130 -6.70 -3.38 30.33
C LEU A 130 -8.11 -3.00 30.75
N ARG A 131 -8.36 -2.77 32.04
CA ARG A 131 -9.72 -2.42 32.47
C ARG A 131 -9.75 -1.19 33.39
N SER A 132 -8.58 -0.65 33.72
CA SER A 132 -8.47 0.51 34.60
C SER A 132 -7.27 1.35 34.18
N TRP A 133 -7.15 2.56 34.73
CA TRP A 133 -6.07 3.47 34.39
C TRP A 133 -5.28 3.91 35.61
N THR A 134 -4.05 4.40 35.37
CA THR A 134 -3.24 5.04 36.40
C THR A 134 -2.98 6.49 35.97
N ALA A 135 -3.29 7.43 36.89
CA ALA A 135 -3.11 8.85 36.65
C ALA A 135 -1.93 9.37 37.47
N VAL A 136 -1.13 10.26 36.88
CA VAL A 136 0.12 10.71 37.46
C VAL A 136 -0.15 11.83 38.49
N ASP A 137 -1.25 12.59 38.31
CA ASP A 137 -1.53 13.75 39.15
C ASP A 137 -3.04 14.00 39.20
N THR A 138 -3.46 15.10 39.83
CA THR A 138 -4.88 15.42 39.97
C THR A 138 -5.51 15.77 38.62
N ALA A 139 -4.74 16.28 37.65
CA ALA A 139 -5.29 16.55 36.33
C ALA A 139 -5.62 15.24 35.63
N ALA A 140 -4.68 14.29 35.69
CA ALA A 140 -4.88 13.03 35.00
C ALA A 140 -5.97 12.24 35.71
N GLN A 141 -6.19 12.53 37.00
CA GLN A 141 -7.28 11.89 37.73
C GLN A 141 -8.62 12.26 37.10
N ILE A 142 -8.78 13.50 36.63
CA ILE A 142 -9.99 13.89 35.93
C ILE A 142 -10.13 13.12 34.61
N SER A 143 -9.04 13.01 33.85
CA SER A 143 -9.09 12.23 32.61
C SER A 143 -9.46 10.77 32.89
N GLU A 144 -8.91 10.19 33.97
CA GLU A 144 -9.26 8.86 34.44
C GLU A 144 -10.77 8.76 34.66
N GLN A 145 -11.35 9.78 35.30
CA GLN A 145 -12.75 9.72 35.66
C GLN A 145 -13.61 9.82 34.40
N LYS A 146 -13.24 10.71 33.48
CA LYS A 146 -13.89 10.79 32.19
C LYS A 146 -13.83 9.43 31.48
N SER A 147 -12.67 8.75 31.55
CA SER A 147 -12.50 7.48 30.87
C SER A 147 -13.43 6.42 31.47
N ASN A 148 -13.49 6.40 32.81
CA ASN A 148 -14.38 5.48 33.53
C ASN A 148 -15.82 5.77 33.16
N ASP A 149 -16.21 7.06 33.12
CA ASP A 149 -17.56 7.44 32.71
C ASP A 149 -17.88 6.89 31.33
N ALA A 150 -16.89 6.92 30.42
CA ALA A 150 -17.12 6.64 29.02
C ALA A 150 -16.86 5.17 28.68
N SER A 151 -16.45 4.37 29.67
CA SER A 151 -16.08 2.97 29.48
C SER A 151 -14.98 2.88 28.43
N GLU A 152 -14.02 3.79 28.55
CA GLU A 152 -12.98 3.90 27.55
C GLU A 152 -12.05 2.67 27.58
N ALA A 153 -11.75 2.15 28.76
CA ALA A 153 -10.93 0.94 28.85
C ALA A 153 -11.56 -0.22 28.07
N GLU A 154 -12.89 -0.36 28.07
CA GLU A 154 -13.56 -1.40 27.31
C GLU A 154 -13.32 -1.24 25.82
N HIS A 155 -13.40 0.00 25.32
CA HIS A 155 -13.11 0.26 23.92
C HIS A 155 -11.67 -0.12 23.60
N GLN A 156 -10.74 0.16 24.52
CA GLN A 156 -9.33 -0.01 24.19
C GLN A 156 -8.96 -1.48 24.37
N ARG A 157 -9.58 -2.15 25.35
CA ARG A 157 -9.41 -3.59 25.54
C ARG A 157 -9.88 -4.33 24.30
N ALA A 158 -11.02 -3.94 23.70
CA ALA A 158 -11.53 -4.64 22.53
C ALA A 158 -10.58 -4.45 21.35
N TYR A 159 -10.01 -3.26 21.21
CA TYR A 159 -9.03 -3.03 20.16
C TYR A 159 -7.79 -3.89 20.40
N LEU A 160 -7.24 -3.82 21.60
CA LEU A 160 -5.94 -4.47 21.88
C LEU A 160 -6.01 -6.00 21.79
N GLU A 161 -7.06 -6.61 22.36
CA GLU A 161 -7.18 -8.06 22.44
C GLU A 161 -7.73 -8.68 21.16
N ASP A 162 -8.57 -7.91 20.43
CA ASP A 162 -9.26 -8.45 19.28
C ASP A 162 -8.76 -7.84 17.98
N THR A 163 -9.07 -6.56 17.73
CA THR A 163 -8.83 -5.97 16.43
C THR A 163 -7.34 -5.94 16.11
N CYS A 164 -6.55 -5.52 17.09
CA CYS A 164 -5.12 -5.32 16.93
C CYS A 164 -4.46 -6.65 16.56
N VAL A 165 -4.89 -7.72 17.24
CA VAL A 165 -4.39 -9.07 16.98
C VAL A 165 -4.82 -9.57 15.62
N GLU A 166 -6.08 -9.32 15.21
CA GLU A 166 -6.59 -9.80 13.94
C GLU A 166 -5.76 -9.18 12.81
N TRP A 167 -5.50 -7.87 12.93
CA TRP A 167 -4.83 -7.14 11.87
C TRP A 167 -3.32 -7.41 11.87
N LEU A 168 -2.76 -7.65 13.04
CA LEU A 168 -1.34 -7.97 13.10
C LEU A 168 -1.10 -9.25 12.29
N HIS A 169 -1.98 -10.23 12.47
CA HIS A 169 -1.87 -11.46 11.69
C HIS A 169 -2.02 -11.18 10.20
N LYS A 170 -2.98 -10.31 9.82
CA LYS A 170 -3.14 -9.98 8.41
C LYS A 170 -1.89 -9.33 7.84
N TYR A 171 -1.30 -8.40 8.57
CA TYR A 171 -0.15 -7.68 8.09
C TYR A 171 1.03 -8.64 7.97
N LEU A 172 1.17 -9.56 8.94
CA LEU A 172 2.29 -10.51 8.87
C LEU A 172 2.17 -11.38 7.63
N GLU A 173 0.95 -11.69 7.20
CA GLU A 173 0.75 -12.44 5.97
C GLU A 173 1.01 -11.54 4.77
N LYS A 174 0.50 -10.29 4.79
CA LYS A 174 0.62 -9.43 3.62
C LYS A 174 2.08 -9.12 3.33
N GLY A 175 2.88 -8.99 4.38
CA GLY A 175 4.25 -8.51 4.26
C GLY A 175 5.29 -9.58 4.58
N LYS A 176 4.91 -10.85 4.48
CA LYS A 176 5.69 -11.92 5.05
C LYS A 176 7.07 -12.03 4.39
N GLU A 177 7.16 -11.70 3.10
CA GLU A 177 8.38 -11.92 2.36
C GLU A 177 9.51 -11.09 2.96
N THR A 178 9.17 -9.92 3.52
CA THR A 178 10.14 -9.08 4.19
C THR A 178 10.00 -9.12 5.72
N LEU A 179 8.78 -9.07 6.28
CA LEU A 179 8.58 -9.00 7.71
C LEU A 179 9.11 -10.22 8.46
N LEU A 180 9.09 -11.40 7.82
CA LEU A 180 9.48 -12.63 8.49
C LEU A 180 10.88 -13.05 8.03
N HIS A 181 11.54 -12.22 7.24
CA HIS A 181 12.90 -12.49 6.79
C HIS A 181 13.91 -11.90 7.77
N LEU A 182 14.74 -12.77 8.36
CA LEU A 182 15.82 -12.34 9.23
C LEU A 182 16.99 -11.94 8.34
N GLU A 183 17.49 -10.71 8.48
CA GLU A 183 18.64 -10.30 7.70
C GLU A 183 19.83 -10.16 8.64
N PRO A 184 20.82 -11.07 8.60
CA PRO A 184 21.95 -11.00 9.54
C PRO A 184 22.83 -9.81 9.25
N PRO A 185 23.60 -9.33 10.23
CA PRO A 185 24.54 -8.25 9.99
C PRO A 185 25.74 -8.75 9.18
N LYS A 186 26.19 -7.90 8.27
CA LYS A 186 27.52 -7.95 7.70
C LYS A 186 28.45 -7.23 8.68
N THR A 187 29.52 -7.88 9.11
CA THR A 187 30.36 -7.36 10.18
C THR A 187 31.79 -7.16 9.69
N HIS A 188 32.45 -6.15 10.25
CA HIS A 188 33.88 -5.98 10.02
C HIS A 188 34.48 -5.14 11.12
N VAL A 189 35.82 -5.19 11.22
CA VAL A 189 36.56 -4.37 12.16
C VAL A 189 37.40 -3.35 11.41
N THR A 190 37.47 -2.14 11.97
CA THR A 190 38.39 -1.10 11.57
C THR A 190 39.39 -0.80 12.68
N HIS A 191 40.54 -0.25 12.27
CA HIS A 191 41.69 -0.08 13.14
C HIS A 191 42.39 1.22 12.75
N HIS A 192 42.50 2.15 13.69
CA HIS A 192 43.14 3.44 13.47
C HIS A 192 43.98 3.82 14.68
N PRO A 193 45.30 4.02 14.52
CA PRO A 193 46.13 4.52 15.64
C PRO A 193 45.70 5.91 16.10
N ILE A 194 45.76 6.14 17.42
CA ILE A 194 45.41 7.40 18.04
C ILE A 194 46.68 8.14 18.42
N SER A 195 47.66 7.38 18.91
CA SER A 195 48.94 7.91 19.32
C SER A 195 50.02 6.87 19.01
N ASP A 196 51.24 7.10 19.50
CA ASP A 196 52.28 6.09 19.52
C ASP A 196 51.84 4.89 20.38
N HIS A 197 51.01 5.14 21.40
CA HIS A 197 50.78 4.17 22.46
C HIS A 197 49.44 3.44 22.30
N GLU A 198 48.48 4.02 21.56
CA GLU A 198 47.09 3.54 21.59
C GLU A 198 46.46 3.52 20.19
N ALA A 199 45.44 2.66 20.00
CA ALA A 199 44.71 2.60 18.74
C ALA A 199 43.24 2.37 19.02
N THR A 200 42.38 2.71 18.05
CA THR A 200 40.94 2.49 18.13
C THR A 200 40.63 1.22 17.33
N LEU A 201 39.89 0.29 17.96
CA LEU A 201 39.30 -0.81 17.24
C LEU A 201 37.79 -0.56 17.19
N ARG A 202 37.22 -0.57 15.98
CA ARG A 202 35.78 -0.34 15.83
C ARG A 202 35.16 -1.56 15.12
N CYS A 203 34.12 -2.12 15.76
CA CYS A 203 33.38 -3.26 15.27
C CYS A 203 32.04 -2.77 14.69
N TRP A 204 31.79 -3.11 13.41
CA TRP A 204 30.62 -2.69 12.65
C TRP A 204 29.68 -3.86 12.43
N ALA A 205 28.36 -3.57 12.53
CA ALA A 205 27.29 -4.45 12.15
C ALA A 205 26.39 -3.63 11.22
N LEU A 206 26.25 -4.10 9.99
CA LEU A 206 25.60 -3.30 8.95
C LEU A 206 24.54 -4.14 8.27
N GLY A 207 23.42 -3.51 7.90
CA GLY A 207 22.45 -4.13 7.01
C GLY A 207 21.53 -5.17 7.65
N PHE A 208 21.26 -5.09 8.95
CA PHE A 208 20.59 -6.16 9.67
C PHE A 208 19.13 -5.78 9.92
N TYR A 209 18.29 -6.82 10.01
CA TYR A 209 16.88 -6.69 10.37
C TYR A 209 16.47 -7.97 11.07
N PRO A 210 15.77 -7.96 12.24
CA PRO A 210 15.32 -6.75 12.94
C PRO A 210 16.39 -5.95 13.67
N ALA A 211 15.98 -4.89 14.36
CA ALA A 211 16.90 -3.93 14.95
C ALA A 211 17.65 -4.48 16.16
N GLU A 212 17.00 -5.36 16.94
CA GLU A 212 17.62 -5.95 18.12
C GLU A 212 18.96 -6.58 17.78
N ILE A 213 20.02 -6.19 18.50
CA ILE A 213 21.35 -6.73 18.31
C ILE A 213 22.13 -6.51 19.60
N THR A 214 23.12 -7.38 19.86
CA THR A 214 24.11 -7.12 20.87
C THR A 214 25.50 -7.14 20.22
N LEU A 215 26.23 -6.08 20.47
CA LEU A 215 27.58 -5.86 19.97
C LEU A 215 28.44 -5.59 21.20
N THR A 216 29.44 -6.44 21.46
CA THR A 216 30.28 -6.21 22.62
C THR A 216 31.74 -6.44 22.22
N TRP A 217 32.62 -5.69 22.88
CA TRP A 217 34.04 -6.00 22.92
C TRP A 217 34.39 -6.71 24.21
N GLN A 218 35.27 -7.71 24.10
CA GLN A 218 35.75 -8.47 25.24
C GLN A 218 37.27 -8.39 25.23
N GLN A 219 37.84 -8.23 26.43
CA GLN A 219 39.28 -8.24 26.61
C GLN A 219 39.64 -9.59 27.24
N ASP A 220 40.60 -10.29 26.63
CA ASP A 220 41.16 -11.52 27.19
C ASP A 220 40.07 -12.58 27.34
N GLY A 221 39.08 -12.56 26.42
CA GLY A 221 38.18 -13.68 26.22
C GLY A 221 37.22 -13.91 27.37
N GLU A 222 36.90 -12.86 28.14
CA GLU A 222 35.84 -12.94 29.12
C GLU A 222 35.39 -11.52 29.48
N GLY A 223 34.08 -11.38 29.73
CA GLY A 223 33.52 -10.11 30.16
C GLY A 223 33.43 -9.15 28.99
N HIS A 224 33.24 -7.88 29.30
CA HIS A 224 33.18 -6.83 28.30
C HIS A 224 34.10 -5.74 28.79
N THR A 225 34.81 -5.07 27.87
CA THR A 225 35.68 -3.97 28.28
C THR A 225 34.79 -2.84 28.77
N GLN A 226 35.21 -2.20 29.87
CA GLN A 226 34.54 -1.02 30.41
C GLN A 226 34.79 0.14 29.45
N ASP A 227 33.82 1.06 29.39
CA ASP A 227 34.01 2.28 28.60
C ASP A 227 34.05 1.98 27.09
N THR A 228 33.57 0.80 26.67
CA THR A 228 33.27 0.57 25.27
C THR A 228 32.46 1.79 24.79
N GLU A 229 32.87 2.39 23.65
CA GLU A 229 32.09 3.46 23.05
C GLU A 229 31.02 2.81 22.17
N LEU A 230 29.74 3.02 22.48
CA LEU A 230 28.62 2.47 21.71
C LEU A 230 27.87 3.63 21.08
N VAL A 231 27.27 3.38 19.91
CA VAL A 231 26.29 4.30 19.36
C VAL A 231 24.96 3.56 19.36
N GLU A 232 23.89 4.34 19.47
CA GLU A 232 22.51 3.87 19.36
C GLU A 232 22.37 3.24 17.97
N THR A 233 21.60 2.14 17.90
CA THR A 233 21.32 1.45 16.67
C THR A 233 20.60 2.49 15.81
N ARG A 234 21.00 2.59 14.54
CA ARG A 234 20.52 3.64 13.66
C ARG A 234 19.97 3.03 12.38
N PRO A 235 18.98 3.69 11.74
CA PRO A 235 18.48 3.23 10.45
C PRO A 235 19.41 3.51 9.27
N ALA A 236 19.57 2.52 8.40
CA ALA A 236 20.33 2.67 7.17
C ALA A 236 19.58 3.58 6.21
N GLY A 237 18.23 3.48 6.27
CA GLY A 237 17.37 4.22 5.36
C GLY A 237 16.67 3.30 4.35
N ASP A 238 17.03 2.02 4.34
CA ASP A 238 16.48 1.05 3.40
C ASP A 238 15.65 -0.01 4.12
N GLY A 239 15.35 0.21 5.41
CA GLY A 239 14.61 -0.77 6.19
C GLY A 239 15.51 -1.68 7.03
N THR A 240 16.84 -1.55 6.88
CA THR A 240 17.81 -2.25 7.72
C THR A 240 18.49 -1.28 8.69
N PHE A 241 19.29 -1.85 9.61
CA PHE A 241 19.89 -1.12 10.71
C PHE A 241 21.41 -1.29 10.73
N GLN A 242 22.02 -0.37 11.46
CA GLN A 242 23.47 -0.30 11.64
C GLN A 242 23.80 -0.05 13.11
N LYS A 243 24.99 -0.51 13.54
CA LYS A 243 25.48 -0.21 14.87
C LYS A 243 26.98 -0.43 14.89
N TRP A 244 27.68 0.30 15.73
CA TRP A 244 29.08 -0.01 15.94
C TRP A 244 29.44 0.13 17.41
N ALA A 245 30.57 -0.47 17.77
CA ALA A 245 31.14 -0.37 19.10
C ALA A 245 32.65 -0.24 18.96
N ALA A 246 33.25 0.66 19.74
CA ALA A 246 34.67 0.91 19.67
C ALA A 246 35.34 0.86 21.06
N VAL A 247 36.60 0.42 21.05
CA VAL A 247 37.44 0.42 22.22
C VAL A 247 38.78 1.06 21.87
N VAL A 248 39.41 1.69 22.86
CA VAL A 248 40.75 2.20 22.70
C VAL A 248 41.67 1.23 23.43
N VAL A 249 42.68 0.73 22.72
CA VAL A 249 43.52 -0.33 23.24
C VAL A 249 44.98 0.09 23.14
N PRO A 250 45.88 -0.47 23.98
CA PRO A 250 47.32 -0.23 23.82
C PRO A 250 47.85 -0.84 22.52
N SER A 251 48.67 -0.07 21.80
CA SER A 251 49.31 -0.57 20.60
C SER A 251 50.01 -1.89 20.90
N GLY A 252 49.83 -2.85 19.96
CA GLY A 252 50.40 -4.18 20.06
C GLY A 252 49.52 -5.16 20.84
N GLU A 253 48.43 -4.68 21.45
CA GLU A 253 47.60 -5.53 22.29
C GLU A 253 46.27 -5.84 21.63
N GLU A 254 46.16 -5.61 20.31
CA GLU A 254 44.93 -5.78 19.56
C GLU A 254 44.44 -7.22 19.58
N GLN A 255 45.37 -8.19 19.67
CA GLN A 255 44.99 -9.58 19.61
C GLN A 255 44.26 -10.03 20.88
N ARG A 256 44.26 -9.21 21.93
CA ARG A 256 43.55 -9.54 23.16
C ARG A 256 42.05 -9.19 23.08
N TYR A 257 41.62 -8.47 22.04
CA TYR A 257 40.24 -8.00 21.98
C TYR A 257 39.43 -8.76 20.93
N THR A 258 38.23 -9.17 21.31
CA THR A 258 37.31 -9.79 20.38
C THR A 258 35.98 -9.03 20.42
N CYS A 259 35.44 -8.79 19.24
CA CYS A 259 34.10 -8.25 19.07
C CYS A 259 33.11 -9.39 18.89
N HIS A 260 31.99 -9.31 19.63
CA HIS A 260 31.04 -10.39 19.69
C HIS A 260 29.68 -9.85 19.21
N VAL A 261 29.08 -10.50 18.21
CA VAL A 261 27.82 -10.02 17.63
C VAL A 261 26.76 -11.11 17.77
N GLN A 262 25.62 -10.76 18.38
CA GLN A 262 24.49 -11.66 18.43
C GLN A 262 23.31 -10.98 17.74
N HIS A 263 22.63 -11.77 16.90
CA HIS A 263 21.52 -11.34 16.08
C HIS A 263 20.70 -12.58 15.70
N GLU A 264 19.37 -12.40 15.67
CA GLU A 264 18.43 -13.47 15.36
C GLU A 264 18.75 -14.10 14.01
N GLY A 265 19.29 -13.30 13.07
CA GLY A 265 19.61 -13.77 11.73
C GLY A 265 20.89 -14.61 11.65
N LEU A 266 21.71 -14.64 12.71
CA LEU A 266 22.94 -15.41 12.67
C LEU A 266 22.65 -16.83 13.17
N PRO A 267 23.07 -17.89 12.42
CA PRO A 267 23.05 -19.26 12.96
C PRO A 267 23.69 -19.37 14.35
N GLU A 268 24.89 -18.78 14.49
CA GLU A 268 25.54 -18.69 15.78
C GLU A 268 26.15 -17.30 15.96
N PRO A 269 26.41 -16.87 17.21
CA PRO A 269 27.16 -15.63 17.47
C PRO A 269 28.46 -15.53 16.67
N VAL A 270 28.78 -14.33 16.19
CA VAL A 270 29.98 -14.11 15.39
C VAL A 270 31.03 -13.48 16.30
N THR A 271 32.30 -13.87 16.12
CA THR A 271 33.41 -13.33 16.87
C THR A 271 34.39 -12.78 15.83
N LEU A 272 34.81 -11.51 15.98
CA LEU A 272 35.77 -10.93 15.07
C LEU A 272 36.99 -10.48 15.88
N ARG A 273 38.15 -10.46 15.22
CA ARG A 273 39.37 -9.97 15.81
C ARG A 273 40.16 -9.19 14.76
N TRP A 274 41.04 -8.30 15.21
CA TRP A 274 42.02 -7.68 14.35
C TRP A 274 43.36 -8.44 14.42
N MET B 1 8.76 22.40 30.07
CA MET B 1 9.21 21.81 31.37
C MET B 1 10.37 20.86 31.06
N ILE B 2 10.05 19.67 30.53
CA ILE B 2 11.06 18.75 30.05
C ILE B 2 11.46 19.19 28.65
N GLN B 3 12.75 19.42 28.45
CA GLN B 3 13.35 19.47 27.13
C GLN B 3 14.57 18.55 27.18
N ARG B 4 14.83 17.81 26.10
CA ARG B 4 15.97 16.90 26.03
C ARG B 4 16.70 17.23 24.73
N THR B 5 18.04 17.16 24.78
CA THR B 5 18.86 17.63 23.68
C THR B 5 18.99 16.50 22.67
N PRO B 6 18.95 16.79 21.35
CA PRO B 6 19.13 15.75 20.35
C PRO B 6 20.51 15.10 20.39
N LYS B 7 20.51 13.78 20.22
CA LYS B 7 21.66 13.02 19.80
C LYS B 7 21.68 13.06 18.28
N ILE B 8 22.88 13.17 17.71
CA ILE B 8 23.07 13.36 16.28
C ILE B 8 24.10 12.36 15.78
N GLN B 9 23.73 11.58 14.77
CA GLN B 9 24.67 10.77 14.03
C GLN B 9 24.58 11.10 12.55
N VAL B 10 25.77 11.30 11.95
CA VAL B 10 25.84 11.57 10.53
C VAL B 10 26.63 10.46 9.85
N TYR B 11 26.08 9.85 8.80
CA TYR B 11 26.69 8.65 8.28
C TYR B 11 26.15 8.33 6.90
N SER B 12 26.80 7.40 6.20
CA SER B 12 26.32 6.96 4.91
C SER B 12 25.53 5.67 5.03
N ARG B 13 24.62 5.43 4.08
CA ARG B 13 23.91 4.16 4.04
C ARG B 13 24.89 3.00 3.87
N HIS B 14 25.82 3.12 2.92
CA HIS B 14 26.82 2.09 2.63
C HIS B 14 28.22 2.64 2.91
N PRO B 15 29.25 1.81 3.19
CA PRO B 15 30.58 2.36 3.44
C PRO B 15 30.94 3.12 2.17
N ALA B 16 31.43 4.35 2.35
CA ALA B 16 31.68 5.33 1.31
C ALA B 16 32.77 4.84 0.37
N GLU B 17 32.47 4.87 -0.93
CA GLU B 17 33.49 4.70 -1.95
C GLU B 17 33.43 5.92 -2.87
N ASN B 18 34.52 6.71 -2.88
CA ASN B 18 34.58 7.95 -3.65
C ASN B 18 34.13 7.68 -5.09
N GLY B 19 33.23 8.53 -5.61
CA GLY B 19 32.76 8.42 -6.98
C GLY B 19 31.59 7.46 -7.17
N LYS B 20 31.11 6.86 -6.07
CA LYS B 20 30.03 5.87 -6.16
C LYS B 20 28.81 6.39 -5.40
N SER B 21 27.61 6.20 -5.98
CA SER B 21 26.38 6.77 -5.47
C SER B 21 26.00 6.10 -4.15
N ASN B 22 25.32 6.87 -3.27
CA ASN B 22 25.13 6.50 -1.87
C ASN B 22 24.01 7.36 -1.30
N PHE B 23 23.75 7.24 0.01
CA PHE B 23 22.84 8.15 0.68
C PHE B 23 23.54 8.71 1.92
N LEU B 24 23.35 10.01 2.15
CA LEU B 24 23.89 10.68 3.32
C LEU B 24 22.75 10.80 4.32
N ASN B 25 22.98 10.33 5.54
CA ASN B 25 21.95 10.25 6.57
C ASN B 25 22.33 11.12 7.75
N CYS B 26 21.33 11.80 8.31
CA CYS B 26 21.48 12.47 9.59
C CYS B 26 20.37 12.00 10.51
N TYR B 27 20.73 11.21 11.52
CA TYR B 27 19.75 10.64 12.43
C TYR B 27 19.80 11.40 13.75
N VAL B 28 18.65 12.01 14.11
CA VAL B 28 18.52 12.77 15.33
C VAL B 28 17.53 12.04 16.23
N SER B 29 17.89 11.87 17.51
CA SER B 29 17.07 11.10 18.40
C SER B 29 17.17 11.66 19.82
N GLY B 30 16.26 11.19 20.69
CA GLY B 30 16.37 11.49 22.11
C GLY B 30 15.96 12.90 22.46
N PHE B 31 15.19 13.59 21.60
CA PHE B 31 14.95 15.00 21.81
C PHE B 31 13.50 15.25 22.22
N HIS B 32 13.31 16.38 22.93
CA HIS B 32 11.97 16.92 23.21
C HIS B 32 12.12 18.42 23.46
N PRO B 33 11.26 19.33 22.96
CA PRO B 33 10.11 19.01 22.10
C PRO B 33 10.46 18.56 20.69
N SER B 34 9.41 18.33 19.87
CA SER B 34 9.52 17.71 18.56
C SER B 34 9.93 18.72 17.48
N ASP B 35 9.73 20.03 17.72
CA ASP B 35 10.16 21.04 16.77
C ASP B 35 11.68 20.95 16.61
N ILE B 36 12.13 20.75 15.38
CA ILE B 36 13.54 20.59 15.10
C ILE B 36 13.71 20.92 13.62
N GLU B 37 14.87 21.43 13.25
CA GLU B 37 15.22 21.60 11.86
C GLU B 37 16.55 20.89 11.66
N VAL B 38 16.63 20.12 10.59
CA VAL B 38 17.80 19.32 10.30
C VAL B 38 18.15 19.60 8.84
N ASP B 39 19.37 20.10 8.62
CA ASP B 39 19.79 20.44 7.27
C ASP B 39 21.07 19.68 6.98
N LEU B 40 21.16 19.13 5.76
CA LEU B 40 22.38 18.51 5.29
C LEU B 40 23.18 19.55 4.50
N LEU B 41 24.49 19.62 4.75
CA LEU B 41 25.35 20.62 4.13
C LEU B 41 26.41 19.93 3.27
N LYS B 42 26.69 20.56 2.12
CA LYS B 42 27.76 20.16 1.24
C LYS B 42 28.69 21.35 1.09
N ASN B 43 29.90 21.21 1.60
CA ASN B 43 30.89 22.29 1.55
C ASN B 43 30.30 23.56 2.17
N GLY B 44 29.60 23.42 3.29
CA GLY B 44 29.07 24.56 4.01
C GLY B 44 27.72 25.04 3.52
N GLU B 45 27.22 24.52 2.38
CA GLU B 45 26.00 25.04 1.76
C GLU B 45 24.86 24.06 1.94
N ARG B 46 23.68 24.56 2.33
CA ARG B 46 22.53 23.72 2.58
C ARG B 46 22.01 23.09 1.29
N ILE B 47 21.85 21.76 1.33
CA ILE B 47 21.24 21.02 0.25
C ILE B 47 19.74 21.29 0.31
N GLU B 48 19.20 21.84 -0.78
CA GLU B 48 17.88 22.45 -0.74
C GLU B 48 16.82 21.37 -0.61
N LYS B 49 17.07 20.18 -1.17
CA LYS B 49 16.03 19.18 -1.26
C LYS B 49 16.54 17.87 -0.66
N VAL B 50 16.04 17.59 0.54
CA VAL B 50 16.38 16.40 1.29
C VAL B 50 15.06 15.87 1.83
N GLU B 51 15.03 14.59 2.19
CA GLU B 51 13.79 13.96 2.63
C GLU B 51 13.95 13.57 4.10
N HIS B 52 12.83 13.25 4.73
CA HIS B 52 12.90 12.79 6.11
C HIS B 52 11.84 11.74 6.39
N SER B 53 12.10 10.96 7.43
CA SER B 53 11.14 9.97 7.93
C SER B 53 10.00 10.67 8.67
N ASP B 54 8.93 9.92 8.93
CA ASP B 54 7.83 10.41 9.72
C ASP B 54 8.16 10.44 11.21
N LEU B 55 7.84 11.56 11.85
CA LEU B 55 8.05 11.74 13.29
C LEU B 55 7.45 10.58 14.09
N SER B 56 8.31 9.96 14.90
CA SER B 56 7.95 8.90 15.79
C SER B 56 8.70 9.16 17.09
N PHE B 57 8.49 8.29 18.07
CA PHE B 57 9.13 8.42 19.37
C PHE B 57 9.32 7.05 20.00
N SER B 58 10.22 7.03 21.00
CA SER B 58 10.60 5.84 21.73
C SER B 58 9.78 5.73 23.02
N LYS B 59 10.05 4.65 23.77
CA LYS B 59 9.33 4.29 24.99
C LYS B 59 9.40 5.43 26.01
N ASP B 60 10.52 6.16 26.03
CA ASP B 60 10.72 7.26 26.97
C ASP B 60 10.13 8.57 26.47
N TRP B 61 9.37 8.53 25.36
CA TRP B 61 8.63 9.65 24.79
C TRP B 61 9.49 10.53 23.89
N SER B 62 10.81 10.33 23.86
CA SER B 62 11.67 11.20 23.06
C SER B 62 11.58 10.86 21.58
N PHE B 63 11.69 11.89 20.75
CA PHE B 63 11.46 11.82 19.32
C PHE B 63 12.72 11.41 18.58
N TYR B 64 12.53 10.83 17.39
CA TYR B 64 13.58 10.53 16.44
C TYR B 64 13.10 10.75 15.01
N LEU B 65 14.05 11.16 14.16
CA LEU B 65 13.83 11.43 12.76
C LEU B 65 15.09 11.02 12.00
N LEU B 66 14.90 10.56 10.76
CA LEU B 66 15.98 10.41 9.80
C LEU B 66 15.82 11.40 8.68
N TYR B 67 16.88 12.19 8.41
CA TYR B 67 16.98 13.05 7.23
C TYR B 67 18.03 12.44 6.30
N TYR B 68 17.76 12.48 5.00
CA TYR B 68 18.61 11.74 4.06
C TYR B 68 18.52 12.40 2.68
N THR B 69 19.63 12.27 1.94
CA THR B 69 19.66 12.70 0.56
C THR B 69 20.64 11.81 -0.21
N GLU B 70 20.41 11.69 -1.52
CA GLU B 70 21.32 10.99 -2.42
C GLU B 70 22.60 11.81 -2.54
N PHE B 71 23.76 11.14 -2.55
CA PHE B 71 25.02 11.85 -2.77
C PHE B 71 26.05 10.88 -3.31
N THR B 72 27.05 11.44 -3.99
CA THR B 72 28.21 10.70 -4.45
C THR B 72 29.43 11.30 -3.74
N PRO B 73 30.02 10.59 -2.76
CA PRO B 73 31.15 11.13 -1.99
C PRO B 73 32.42 11.26 -2.85
N THR B 74 33.23 12.27 -2.52
CA THR B 74 34.54 12.45 -3.12
C THR B 74 35.51 12.80 -2.00
N GLU B 75 36.80 12.84 -2.33
CA GLU B 75 37.82 13.15 -1.35
C GLU B 75 37.68 14.61 -0.94
N LYS B 76 37.38 15.49 -1.89
CA LYS B 76 37.49 16.92 -1.65
C LYS B 76 36.23 17.48 -0.96
N ASP B 77 35.07 16.83 -1.11
CA ASP B 77 33.81 17.42 -0.63
C ASP B 77 33.59 17.07 0.84
N GLU B 78 33.23 18.09 1.63
CA GLU B 78 32.93 17.95 3.03
C GLU B 78 31.40 17.94 3.19
N TYR B 79 30.90 17.02 4.02
CA TYR B 79 29.48 16.94 4.31
C TYR B 79 29.30 17.10 5.82
N ALA B 80 28.16 17.71 6.19
CA ALA B 80 27.79 17.89 7.58
C ALA B 80 26.28 17.93 7.71
N CYS B 81 25.84 17.79 8.97
CA CYS B 81 24.45 17.96 9.35
C CYS B 81 24.37 19.13 10.31
N ARG B 82 23.41 20.03 10.08
CA ARG B 82 23.17 21.17 10.96
C ARG B 82 21.81 21.00 11.65
N VAL B 83 21.81 21.04 12.98
CA VAL B 83 20.60 20.78 13.76
C VAL B 83 20.20 22.03 14.56
N ASN B 84 18.96 22.48 14.39
CA ASN B 84 18.40 23.65 15.03
C ASN B 84 17.37 23.13 16.03
N HIS B 85 17.64 23.32 17.32
CA HIS B 85 16.73 22.86 18.38
C HIS B 85 16.82 23.84 19.54
N VAL B 86 15.69 24.02 20.23
CA VAL B 86 15.55 24.99 21.31
C VAL B 86 16.56 24.74 22.44
N THR B 87 16.96 23.48 22.64
CA THR B 87 17.93 23.08 23.66
C THR B 87 19.37 23.49 23.31
N LEU B 88 19.64 23.94 22.09
CA LEU B 88 21.02 24.25 21.71
C LEU B 88 21.27 25.76 21.80
N SER B 89 22.47 26.14 22.26
CA SER B 89 22.88 27.54 22.33
C SER B 89 22.90 28.17 20.93
N GLN B 90 23.29 27.36 19.94
CA GLN B 90 23.25 27.78 18.54
C GLN B 90 23.14 26.53 17.69
N PRO B 91 22.73 26.61 16.40
CA PRO B 91 22.68 25.42 15.56
C PRO B 91 23.99 24.64 15.66
N LYS B 92 23.87 23.32 15.83
CA LYS B 92 24.99 22.42 15.98
C LYS B 92 25.31 21.74 14.65
N ILE B 93 26.58 21.87 14.23
CA ILE B 93 27.10 21.29 13.00
C ILE B 93 27.90 20.05 13.37
N VAL B 94 27.53 18.92 12.79
CA VAL B 94 28.26 17.69 12.96
C VAL B 94 28.76 17.25 11.59
N LYS B 95 30.09 17.15 11.46
CA LYS B 95 30.72 16.79 10.21
C LYS B 95 30.57 15.28 10.00
N TRP B 96 30.45 14.90 8.73
CA TRP B 96 30.48 13.51 8.33
C TRP B 96 31.92 13.00 8.34
N ASP B 97 32.12 11.93 9.10
CA ASP B 97 33.37 11.21 9.20
C ASP B 97 33.06 9.81 8.71
N ARG B 98 33.68 9.40 7.60
CA ARG B 98 33.33 8.16 6.93
C ARG B 98 33.74 6.94 7.76
N ASP B 99 34.32 7.13 8.96
CA ASP B 99 34.66 6.04 9.84
C ASP B 99 33.73 5.96 11.06
N MET B 100 32.58 6.64 11.01
CA MET B 100 31.68 6.72 12.15
C MET B 100 30.19 6.66 11.72
N GLY C 1 14.27 15.74 -37.62
CA GLY C 1 13.23 16.73 -37.94
C GLY C 1 13.42 18.01 -37.12
N SER C 2 12.38 18.88 -37.16
CA SER C 2 12.31 20.05 -36.31
C SER C 2 11.94 19.65 -34.88
N HIS C 3 12.41 20.46 -33.93
CA HIS C 3 12.15 20.23 -32.53
C HIS C 3 11.83 21.57 -31.89
N SER C 4 11.22 21.49 -30.70
CA SER C 4 10.78 22.69 -30.02
C SER C 4 10.93 22.49 -28.52
N LEU C 5 11.29 23.57 -27.82
CA LEU C 5 11.24 23.64 -26.38
C LEU C 5 10.20 24.69 -26.02
N LYS C 6 9.17 24.27 -25.25
CA LYS C 6 7.96 25.04 -25.05
C LYS C 6 7.55 24.96 -23.58
N TYR C 7 7.14 26.09 -22.98
CA TYR C 7 6.49 26.06 -21.67
C TYR C 7 5.10 26.68 -21.73
N PHE C 8 4.24 26.19 -20.82
CA PHE C 8 2.86 26.60 -20.69
C PHE C 8 2.62 26.91 -19.21
N HIS C 9 2.35 28.19 -18.94
CA HIS C 9 2.21 28.70 -17.57
C HIS C 9 0.78 29.17 -17.33
N THR C 10 0.18 28.75 -16.18
CA THR C 10 -1.17 29.14 -15.82
C THR C 10 -1.20 29.66 -14.38
N SER C 11 -1.74 30.86 -14.19
CA SER C 11 -2.02 31.43 -12.86
C SER C 11 -3.50 31.71 -12.74
N VAL C 12 -4.12 31.24 -11.65
CA VAL C 12 -5.56 31.43 -11.47
C VAL C 12 -5.81 31.98 -10.08
N SER C 13 -6.50 33.12 -10.01
CA SER C 13 -6.90 33.64 -8.70
C SER C 13 -8.06 32.83 -8.16
N ARG C 14 -8.10 32.74 -6.81
CA ARG C 14 -9.06 31.91 -6.10
C ARG C 14 -9.55 32.69 -4.89
N PRO C 15 -10.42 33.71 -5.06
CA PRO C 15 -10.96 34.45 -3.93
C PRO C 15 -11.50 33.50 -2.85
N GLY C 16 -10.95 33.65 -1.64
CA GLY C 16 -11.45 32.95 -0.46
C GLY C 16 -11.16 31.45 -0.45
N ARG C 17 -10.21 31.01 -1.30
CA ARG C 17 -9.79 29.62 -1.37
C ARG C 17 -8.27 29.56 -1.39
N GLY C 18 -7.61 30.55 -0.75
CA GLY C 18 -6.15 30.65 -0.75
C GLY C 18 -5.65 31.54 -1.88
N GLU C 19 -4.32 31.70 -1.96
CA GLU C 19 -3.72 32.60 -2.94
C GLU C 19 -3.63 31.91 -4.30
N PRO C 20 -3.19 32.61 -5.38
CA PRO C 20 -3.38 32.08 -6.74
C PRO C 20 -2.63 30.78 -6.95
N ARG C 21 -3.25 29.89 -7.71
CA ARG C 21 -2.64 28.65 -8.13
C ARG C 21 -1.78 28.96 -9.35
N PHE C 22 -0.53 28.54 -9.32
CA PHE C 22 0.40 28.71 -10.41
C PHE C 22 0.94 27.34 -10.79
N ILE C 23 0.93 27.03 -12.10
CA ILE C 23 1.44 25.79 -12.62
C ILE C 23 2.23 26.11 -13.88
N SER C 24 3.46 25.59 -13.98
CA SER C 24 4.20 25.68 -15.22
C SER C 24 4.52 24.26 -15.68
N VAL C 25 4.41 24.02 -17.00
CA VAL C 25 4.85 22.74 -17.53
C VAL C 25 5.76 23.02 -18.72
N GLY C 26 6.81 22.20 -18.85
CA GLY C 26 7.72 22.29 -19.98
C GLY C 26 7.63 21.04 -20.84
N TYR C 27 7.80 21.26 -22.16
CA TYR C 27 7.80 20.19 -23.13
C TYR C 27 8.97 20.33 -24.09
N VAL C 28 9.55 19.18 -24.44
CA VAL C 28 10.34 19.04 -25.65
C VAL C 28 9.48 18.26 -26.62
N ASP C 29 9.13 18.87 -27.77
CA ASP C 29 8.25 18.25 -28.75
C ASP C 29 6.93 17.91 -28.06
N ASP C 30 6.50 16.65 -28.13
CA ASP C 30 5.26 16.23 -27.48
C ASP C 30 5.52 15.59 -26.12
N THR C 31 6.72 15.71 -25.56
CA THR C 31 7.06 15.06 -24.30
C THR C 31 7.20 16.06 -23.17
N GLN C 32 6.36 15.93 -22.14
CA GLN C 32 6.52 16.77 -20.96
C GLN C 32 7.77 16.33 -20.21
N PHE C 33 8.57 17.29 -19.71
CA PHE C 33 9.81 16.89 -19.05
C PHE C 33 9.94 17.52 -17.66
N VAL C 34 9.19 18.59 -17.36
CA VAL C 34 9.27 19.24 -16.05
C VAL C 34 7.92 19.81 -15.66
N ARG C 35 7.73 20.05 -14.36
CA ARG C 35 6.60 20.82 -13.89
C ARG C 35 6.93 21.52 -12.59
N PHE C 36 6.22 22.63 -12.39
CA PHE C 36 6.19 23.39 -11.16
C PHE C 36 4.74 23.65 -10.79
N ASP C 37 4.36 23.31 -9.55
CA ASP C 37 3.00 23.52 -9.05
C ASP C 37 3.09 24.09 -7.64
N ASN C 38 2.53 25.28 -7.43
CA ASN C 38 2.67 25.92 -6.13
C ASN C 38 1.49 25.59 -5.22
N ASP C 39 0.77 24.50 -5.48
CA ASP C 39 -0.39 24.17 -4.65
C ASP C 39 0.09 23.75 -3.26
N ALA C 40 1.26 23.09 -3.20
CA ALA C 40 1.81 22.50 -1.98
C ALA C 40 2.80 23.46 -1.31
N ALA C 41 3.24 23.09 -0.10
CA ALA C 41 3.88 23.99 0.83
C ALA C 41 5.24 24.49 0.35
N SER C 42 6.13 23.59 -0.05
CA SER C 42 7.48 23.97 -0.46
C SER C 42 7.69 23.57 -1.93
N PRO C 43 7.10 24.34 -2.86
CA PRO C 43 6.97 23.87 -4.24
C PRO C 43 8.31 23.94 -4.96
N ARG C 44 8.64 22.88 -5.73
CA ARG C 44 9.86 22.90 -6.51
C ARG C 44 9.55 22.52 -7.96
N MET C 45 10.44 22.93 -8.87
CA MET C 45 10.45 22.34 -10.19
C MET C 45 10.93 20.91 -10.03
N VAL C 46 10.19 19.96 -10.61
CA VAL C 46 10.57 18.55 -10.54
C VAL C 46 10.61 17.95 -11.94
N PRO C 47 11.34 16.84 -12.11
CA PRO C 47 11.35 16.10 -13.37
C PRO C 47 10.03 15.38 -13.62
N ARG C 48 9.65 15.30 -14.89
CA ARG C 48 8.46 14.59 -15.32
C ARG C 48 8.77 13.68 -16.51
N ALA C 49 10.07 13.51 -16.80
CA ALA C 49 10.52 12.50 -17.75
C ALA C 49 11.71 11.77 -17.15
N PRO C 50 11.88 10.46 -17.42
CA PRO C 50 12.93 9.67 -16.78
C PRO C 50 14.35 10.21 -17.01
N TRP C 51 14.59 10.75 -18.22
CA TRP C 51 15.90 11.24 -18.62
C TRP C 51 16.28 12.57 -17.95
N MET C 52 15.36 13.17 -17.17
CA MET C 52 15.70 14.36 -16.41
C MET C 52 16.12 14.03 -14.98
N GLU C 53 15.96 12.78 -14.54
CA GLU C 53 16.19 12.40 -13.15
C GLU C 53 17.68 12.48 -12.81
N GLN C 54 18.54 12.66 -13.81
CA GLN C 54 19.97 12.69 -13.58
C GLN C 54 20.47 14.11 -13.43
N GLU C 55 19.60 15.13 -13.56
CA GLU C 55 20.03 16.50 -13.43
C GLU C 55 20.44 16.77 -11.99
N GLY C 56 21.52 17.54 -11.84
CA GLY C 56 22.07 17.84 -10.53
C GLY C 56 21.23 18.90 -9.83
N SER C 57 21.61 19.21 -8.58
CA SER C 57 20.81 20.07 -7.72
C SER C 57 20.85 21.51 -8.21
N GLU C 58 21.91 21.87 -8.94
CA GLU C 58 22.07 23.21 -9.49
C GLU C 58 20.92 23.52 -10.46
N TYR C 59 20.57 22.55 -11.31
CA TYR C 59 19.47 22.67 -12.25
C TYR C 59 18.17 22.91 -11.47
N TRP C 60 17.88 22.03 -10.50
CA TRP C 60 16.59 22.07 -9.81
C TRP C 60 16.50 23.32 -8.94
N ASP C 61 17.62 23.69 -8.32
CA ASP C 61 17.61 24.90 -7.52
C ASP C 61 17.32 26.12 -8.41
N ARG C 62 17.92 26.19 -9.59
CA ARG C 62 17.76 27.38 -10.42
C ARG C 62 16.34 27.44 -11.02
N GLU C 63 15.84 26.30 -11.48
CA GLU C 63 14.52 26.29 -12.10
C GLU C 63 13.44 26.56 -11.06
N THR C 64 13.64 26.10 -9.83
CA THR C 64 12.68 26.38 -8.78
C THR C 64 12.65 27.89 -8.53
N ARG C 65 13.82 28.53 -8.47
CA ARG C 65 13.88 29.95 -8.23
C ARG C 65 13.15 30.71 -9.35
N SER C 66 13.38 30.32 -10.61
CA SER C 66 12.78 31.00 -11.75
C SER C 66 11.26 30.85 -11.73
N ALA C 67 10.78 29.65 -11.42
CA ALA C 67 9.34 29.37 -11.33
C ALA C 67 8.71 30.21 -10.21
N ARG C 68 9.36 30.23 -9.04
CA ARG C 68 8.82 30.95 -7.90
C ARG C 68 8.74 32.44 -8.21
N ASP C 69 9.77 32.98 -8.85
CA ASP C 69 9.81 34.38 -9.24
C ASP C 69 8.69 34.71 -10.23
N THR C 70 8.44 33.81 -11.18
CA THR C 70 7.37 33.98 -12.15
C THR C 70 6.00 33.91 -11.47
N ALA C 71 5.82 33.00 -10.52
CA ALA C 71 4.56 32.89 -9.82
C ALA C 71 4.24 34.19 -9.09
N GLN C 72 5.27 34.78 -8.49
CA GLN C 72 5.08 36.03 -7.78
C GLN C 72 4.68 37.15 -8.74
N ILE C 73 5.38 37.24 -9.87
CA ILE C 73 5.06 38.24 -10.87
C ILE C 73 3.64 38.05 -11.39
N PHE C 74 3.23 36.80 -11.62
CA PHE C 74 1.89 36.54 -12.15
C PHE C 74 0.81 36.88 -11.13
N ARG C 75 1.10 36.70 -9.84
CA ARG C 75 0.15 37.09 -8.83
C ARG C 75 -0.10 38.61 -8.91
N VAL C 76 0.98 39.39 -8.98
CA VAL C 76 0.86 40.84 -9.09
C VAL C 76 0.06 41.20 -10.35
N ASN C 77 0.39 40.54 -11.47
CA ASN C 77 -0.29 40.74 -12.73
C ASN C 77 -1.80 40.50 -12.63
N LEU C 78 -2.22 39.46 -11.89
CA LEU C 78 -3.65 39.22 -11.72
C LEU C 78 -4.31 40.41 -11.02
N ARG C 79 -3.65 40.97 -10.00
CA ARG C 79 -4.24 42.15 -9.35
C ARG C 79 -4.35 43.33 -10.32
N THR C 80 -3.25 43.59 -11.04
CA THR C 80 -3.18 44.67 -12.00
C THR C 80 -4.33 44.51 -13.00
N LEU C 81 -4.47 43.32 -13.56
CA LEU C 81 -5.46 43.13 -14.62
C LEU C 81 -6.90 43.35 -14.13
N ARG C 82 -7.22 42.93 -12.91
CA ARG C 82 -8.57 43.18 -12.42
C ARG C 82 -8.75 44.69 -12.29
N GLY C 83 -7.66 45.42 -11.98
CA GLY C 83 -7.73 46.88 -11.95
C GLY C 83 -7.97 47.49 -13.33
N TYR C 84 -7.23 46.98 -14.32
CA TYR C 84 -7.40 47.46 -15.69
C TYR C 84 -8.84 47.27 -16.14
N TYR C 85 -9.46 46.13 -15.79
CA TYR C 85 -10.75 45.75 -16.34
C TYR C 85 -11.89 46.06 -15.38
N ASN C 86 -11.59 46.70 -14.24
CA ASN C 86 -12.61 47.13 -13.29
C ASN C 86 -13.39 45.93 -12.78
N GLN C 87 -12.65 44.87 -12.46
CA GLN C 87 -13.24 43.66 -11.94
C GLN C 87 -13.07 43.60 -10.43
N SER C 88 -14.08 43.01 -9.77
CA SER C 88 -14.15 42.79 -8.34
C SER C 88 -13.06 41.85 -7.84
N GLU C 89 -12.83 41.90 -6.51
CA GLU C 89 -11.99 40.94 -5.82
C GLU C 89 -12.68 39.58 -5.69
N ALA C 90 -13.97 39.48 -6.04
CA ALA C 90 -14.78 38.32 -5.70
C ALA C 90 -14.63 37.18 -6.71
N GLY C 91 -14.25 37.48 -7.96
CA GLY C 91 -14.28 36.50 -9.04
C GLY C 91 -12.91 35.87 -9.31
N SER C 92 -12.93 34.68 -9.95
CA SER C 92 -11.72 33.97 -10.34
C SER C 92 -11.32 34.40 -11.76
N HIS C 93 -10.03 34.67 -11.95
CA HIS C 93 -9.52 35.07 -13.27
C HIS C 93 -8.26 34.27 -13.59
N THR C 94 -7.91 34.20 -14.89
CA THR C 94 -6.84 33.34 -15.36
C THR C 94 -5.88 34.17 -16.19
N LEU C 95 -4.59 33.99 -15.92
CA LEU C 95 -3.51 34.48 -16.77
C LEU C 95 -2.72 33.29 -17.30
N GLN C 96 -2.54 33.27 -18.61
CA GLN C 96 -1.76 32.22 -19.25
C GLN C 96 -0.63 32.86 -20.04
N TRP C 97 0.50 32.17 -20.05
CA TRP C 97 1.68 32.56 -20.78
C TRP C 97 2.23 31.33 -21.49
N MET C 98 2.47 31.43 -22.80
CA MET C 98 3.14 30.35 -23.50
C MET C 98 4.29 30.92 -24.32
N HIS C 99 5.40 30.18 -24.34
CA HIS C 99 6.57 30.59 -25.10
C HIS C 99 7.26 29.33 -25.64
N GLY C 100 8.02 29.49 -26.72
CA GLY C 100 8.79 28.36 -27.20
C GLY C 100 9.78 28.76 -28.29
N CYS C 101 10.84 27.95 -28.45
CA CYS C 101 11.74 28.08 -29.57
C CYS C 101 11.62 26.83 -30.44
N GLU C 102 11.76 27.01 -31.77
CA GLU C 102 11.77 25.92 -32.74
C GLU C 102 13.12 25.89 -33.44
N LEU C 103 13.77 24.71 -33.48
CA LEU C 103 14.97 24.50 -34.28
C LEU C 103 14.58 23.80 -35.56
N GLY C 104 15.24 24.17 -36.66
CA GLY C 104 15.08 23.43 -37.91
C GLY C 104 15.87 22.13 -37.85
N PRO C 105 15.71 21.22 -38.84
CA PRO C 105 16.50 20.00 -38.90
C PRO C 105 18.02 20.19 -38.87
N ASP C 106 18.52 21.36 -39.32
CA ASP C 106 19.95 21.65 -39.35
C ASP C 106 20.48 22.11 -38.00
N GLY C 107 19.59 22.11 -36.99
CA GLY C 107 19.98 22.42 -35.62
C GLY C 107 20.03 23.93 -35.36
N ARG C 108 19.35 24.72 -36.19
CA ARG C 108 19.43 26.16 -36.10
C ARG C 108 18.04 26.76 -35.86
N PHE C 109 18.03 27.83 -35.06
CA PHE C 109 16.84 28.61 -34.77
C PHE C 109 16.04 28.89 -36.04
N LEU C 110 14.76 28.51 -36.02
CA LEU C 110 13.79 28.84 -37.06
C LEU C 110 12.85 29.93 -36.58
N ARG C 111 12.38 29.83 -35.33
CA ARG C 111 11.29 30.68 -34.88
C ARG C 111 11.15 30.63 -33.36
N GLY C 112 10.75 31.78 -32.78
CA GLY C 112 10.42 31.88 -31.37
C GLY C 112 9.07 32.58 -31.22
N TYR C 113 8.31 32.25 -30.16
CA TYR C 113 7.00 32.82 -29.97
C TYR C 113 6.79 33.03 -28.48
N GLU C 114 5.97 34.04 -28.16
CA GLU C 114 5.56 34.32 -26.79
C GLU C 114 4.22 35.06 -26.79
N GLN C 115 3.26 34.58 -25.98
CA GLN C 115 1.94 35.19 -25.96
C GLN C 115 1.33 35.06 -24.57
N PHE C 116 0.53 36.06 -24.20
CA PHE C 116 -0.27 36.06 -22.99
C PHE C 116 -1.75 36.08 -23.30
N ALA C 117 -2.55 35.43 -22.43
CA ALA C 117 -3.98 35.44 -22.46
C ALA C 117 -4.51 35.80 -21.09
N TYR C 118 -5.58 36.60 -21.06
CA TYR C 118 -6.33 36.85 -19.85
C TYR C 118 -7.76 36.38 -20.07
N ASP C 119 -8.26 35.57 -19.15
CA ASP C 119 -9.61 35.04 -19.18
C ASP C 119 -9.91 34.37 -20.51
N GLY C 120 -8.91 33.63 -21.00
CA GLY C 120 -9.07 32.68 -22.09
C GLY C 120 -8.98 33.27 -23.49
N LYS C 121 -8.51 34.51 -23.63
CA LYS C 121 -8.37 35.08 -24.96
C LYS C 121 -7.10 35.92 -25.01
N ASP C 122 -6.64 36.17 -26.24
CA ASP C 122 -5.41 36.85 -26.50
C ASP C 122 -5.38 38.19 -25.75
N TYR C 123 -4.18 38.54 -25.24
CA TYR C 123 -3.97 39.78 -24.49
C TYR C 123 -2.78 40.54 -25.06
N LEU C 124 -1.59 39.94 -24.96
CA LEU C 124 -0.37 40.56 -25.42
C LEU C 124 0.45 39.49 -26.13
N THR C 125 0.99 39.82 -27.32
CA THR C 125 1.71 38.87 -28.14
C THR C 125 3.02 39.48 -28.58
N LEU C 126 4.11 38.71 -28.46
CA LEU C 126 5.38 39.11 -29.03
C LEU C 126 5.31 38.91 -30.55
N ASN C 127 5.63 39.97 -31.31
CA ASN C 127 5.62 39.89 -32.76
C ASN C 127 6.75 38.97 -33.25
N GLU C 128 6.62 38.54 -34.52
CA GLU C 128 7.52 37.61 -35.18
C GLU C 128 8.97 38.09 -35.13
N ASP C 129 9.20 39.40 -35.26
CA ASP C 129 10.53 39.96 -35.24
C ASP C 129 11.18 39.82 -33.86
N LEU C 130 10.36 39.50 -32.84
CA LEU C 130 10.82 39.36 -31.47
C LEU C 130 11.24 40.72 -30.89
N ARG C 131 10.76 41.82 -31.48
CA ARG C 131 11.31 43.13 -31.14
C ARG C 131 10.23 44.07 -30.62
N SER C 132 8.96 43.68 -30.80
CA SER C 132 7.84 44.51 -30.41
C SER C 132 6.62 43.63 -30.12
N TRP C 133 5.53 44.27 -29.66
CA TRP C 133 4.36 43.57 -29.15
C TRP C 133 3.11 44.01 -29.92
N THR C 134 2.09 43.14 -29.91
CA THR C 134 0.76 43.44 -30.38
C THR C 134 -0.21 43.34 -29.21
N ALA C 135 -0.89 44.44 -28.91
CA ALA C 135 -1.84 44.53 -27.80
C ALA C 135 -3.27 44.47 -28.33
N VAL C 136 -4.14 43.72 -27.65
CA VAL C 136 -5.48 43.49 -28.14
C VAL C 136 -6.40 44.69 -27.86
N ASP C 137 -6.10 45.52 -26.84
CA ASP C 137 -7.02 46.55 -26.40
C ASP C 137 -6.28 47.59 -25.58
N THR C 138 -7.01 48.56 -25.03
CA THR C 138 -6.46 49.65 -24.23
C THR C 138 -5.61 49.14 -23.06
N ALA C 139 -6.09 48.11 -22.36
CA ALA C 139 -5.36 47.57 -21.22
C ALA C 139 -4.01 47.01 -21.64
N ALA C 140 -4.01 46.18 -22.68
CA ALA C 140 -2.79 45.52 -23.11
C ALA C 140 -1.79 46.56 -23.62
N GLN C 141 -2.30 47.69 -24.11
CA GLN C 141 -1.44 48.79 -24.52
C GLN C 141 -0.64 49.33 -23.33
N ILE C 142 -1.22 49.31 -22.12
CA ILE C 142 -0.45 49.72 -20.94
C ILE C 142 0.63 48.69 -20.67
N SER C 143 0.27 47.40 -20.81
CA SER C 143 1.23 46.35 -20.61
C SER C 143 2.40 46.44 -21.60
N GLU C 144 2.10 46.78 -22.85
CA GLU C 144 3.13 47.01 -23.87
C GLU C 144 4.06 48.17 -23.50
N GLN C 145 3.47 49.29 -23.07
CA GLN C 145 4.21 50.45 -22.59
C GLN C 145 5.15 50.06 -21.46
N LYS C 146 4.65 49.30 -20.47
CA LYS C 146 5.53 48.84 -19.42
C LYS C 146 6.65 47.96 -19.99
N SER C 147 6.31 47.07 -20.92
CA SER C 147 7.31 46.17 -21.49
C SER C 147 8.41 46.98 -22.19
N ASN C 148 8.01 48.01 -22.92
CA ASN C 148 8.95 48.89 -23.62
C ASN C 148 9.87 49.63 -22.65
N ASP C 149 9.34 50.09 -21.50
CA ASP C 149 10.14 50.77 -20.49
C ASP C 149 11.22 49.83 -19.97
N ALA C 150 10.89 48.54 -19.86
CA ALA C 150 11.71 47.56 -19.18
C ALA C 150 12.60 46.78 -20.17
N SER C 151 12.46 47.08 -21.47
CA SER C 151 13.21 46.44 -22.54
C SER C 151 12.83 44.96 -22.63
N GLU C 152 11.56 44.64 -22.37
CA GLU C 152 11.23 43.26 -22.08
C GLU C 152 11.40 42.42 -23.35
N ALA C 153 11.02 42.98 -24.50
CA ALA C 153 11.15 42.26 -25.77
C ALA C 153 12.60 41.83 -26.01
N GLU C 154 13.56 42.66 -25.58
CA GLU C 154 14.98 42.31 -25.67
C GLU C 154 15.32 41.16 -24.74
N HIS C 155 14.79 41.15 -23.51
CA HIS C 155 15.11 40.08 -22.57
C HIS C 155 14.57 38.75 -23.09
N GLN C 156 13.37 38.81 -23.68
CA GLN C 156 12.71 37.60 -24.18
C GLN C 156 13.41 37.11 -25.45
N ARG C 157 13.79 38.03 -26.35
CA ARG C 157 14.42 37.64 -27.59
C ARG C 157 15.70 36.88 -27.28
N ALA C 158 16.45 37.36 -26.29
CA ALA C 158 17.67 36.74 -25.81
C ALA C 158 17.43 35.33 -25.29
N TYR C 159 16.39 35.19 -24.44
CA TYR C 159 16.03 33.88 -23.93
C TYR C 159 15.77 32.95 -25.11
N LEU C 160 14.95 33.42 -26.06
CA LEU C 160 14.38 32.59 -27.11
C LEU C 160 15.44 32.22 -28.14
N GLU C 161 16.30 33.18 -28.53
CA GLU C 161 17.29 32.94 -29.56
C GLU C 161 18.52 32.23 -29.00
N ASP C 162 18.84 32.43 -27.72
CA ASP C 162 20.07 31.91 -27.14
C ASP C 162 19.80 30.79 -26.12
N THR C 163 19.25 31.15 -24.94
CA THR C 163 19.15 30.22 -23.83
C THR C 163 18.26 29.03 -24.23
N CYS C 164 17.14 29.31 -24.89
CA CYS C 164 16.18 28.29 -25.27
C CYS C 164 16.83 27.27 -26.21
N VAL C 165 17.55 27.77 -27.23
CA VAL C 165 18.25 26.94 -28.21
C VAL C 165 19.31 26.07 -27.54
N GLU C 166 20.14 26.66 -26.66
CA GLU C 166 21.20 25.92 -26.00
C GLU C 166 20.61 24.75 -25.23
N TRP C 167 19.53 25.03 -24.49
CA TRP C 167 18.96 24.00 -23.63
C TRP C 167 18.19 22.96 -24.44
N LEU C 168 17.48 23.38 -25.48
CA LEU C 168 16.81 22.44 -26.37
C LEU C 168 17.83 21.41 -26.84
N HIS C 169 19.01 21.89 -27.29
CA HIS C 169 20.05 20.98 -27.76
C HIS C 169 20.44 19.99 -26.66
N LYS C 170 20.67 20.51 -25.43
CA LYS C 170 21.09 19.68 -24.31
C LYS C 170 20.01 18.63 -23.98
N TYR C 171 18.74 19.04 -23.98
CA TYR C 171 17.66 18.11 -23.64
C TYR C 171 17.55 17.02 -24.70
N LEU C 172 17.66 17.39 -25.98
CA LEU C 172 17.61 16.43 -27.06
C LEU C 172 18.67 15.37 -26.89
N GLU C 173 19.87 15.76 -26.45
CA GLU C 173 20.94 14.81 -26.19
C GLU C 173 20.65 13.94 -24.95
N LYS C 174 20.16 14.56 -23.87
CA LYS C 174 19.87 13.83 -22.64
C LYS C 174 18.77 12.80 -22.89
N GLY C 175 17.79 13.16 -23.71
CA GLY C 175 16.58 12.36 -23.89
C GLY C 175 16.56 11.57 -25.20
N LYS C 176 17.69 11.51 -25.91
CA LYS C 176 17.72 11.14 -27.31
C LYS C 176 17.16 9.72 -27.53
N GLU C 177 17.38 8.84 -26.55
CA GLU C 177 16.98 7.45 -26.68
C GLU C 177 15.47 7.36 -26.91
N THR C 178 14.72 8.32 -26.38
CA THR C 178 13.29 8.35 -26.59
C THR C 178 12.87 9.53 -27.45
N LEU C 179 13.44 10.73 -27.21
CA LEU C 179 12.97 11.91 -27.93
C LEU C 179 13.14 11.76 -29.44
N LEU C 180 14.22 11.08 -29.86
CA LEU C 180 14.57 11.00 -31.27
C LEU C 180 14.13 9.66 -31.88
N HIS C 181 13.52 8.80 -31.07
CA HIS C 181 13.01 7.52 -31.57
C HIS C 181 11.61 7.70 -32.11
N LEU C 182 11.45 7.41 -33.40
CA LEU C 182 10.14 7.42 -34.04
C LEU C 182 9.48 6.09 -33.67
N GLU C 183 8.23 6.16 -33.19
CA GLU C 183 7.50 4.96 -32.83
C GLU C 183 6.28 4.90 -33.73
N PRO C 184 6.25 3.97 -34.70
CA PRO C 184 5.18 3.96 -35.70
C PRO C 184 3.88 3.48 -35.06
N PRO C 185 2.72 3.81 -35.65
CA PRO C 185 1.45 3.28 -35.17
C PRO C 185 1.27 1.78 -35.44
N LYS C 186 0.71 1.10 -34.45
CA LYS C 186 0.12 -0.22 -34.65
C LYS C 186 -1.30 0.05 -35.11
N THR C 187 -1.69 -0.53 -36.26
CA THR C 187 -2.96 -0.19 -36.89
C THR C 187 -3.84 -1.43 -37.06
N HIS C 188 -5.16 -1.23 -36.91
CA HIS C 188 -6.12 -2.29 -37.18
C HIS C 188 -7.49 -1.68 -37.46
N VAL C 189 -8.35 -2.48 -38.09
CA VAL C 189 -9.71 -2.11 -38.38
C VAL C 189 -10.64 -2.92 -37.50
N THR C 190 -11.73 -2.31 -37.03
CA THR C 190 -12.83 -3.00 -36.36
C THR C 190 -14.10 -2.86 -37.20
N HIS C 191 -15.05 -3.78 -36.98
CA HIS C 191 -16.24 -3.87 -37.80
C HIS C 191 -17.41 -4.33 -36.94
N HIS C 192 -18.48 -3.53 -36.92
CA HIS C 192 -19.65 -3.82 -36.09
C HIS C 192 -20.92 -3.43 -36.85
N PRO C 193 -21.87 -4.37 -37.05
CA PRO C 193 -23.14 -4.05 -37.69
C PRO C 193 -23.90 -3.07 -36.80
N ILE C 194 -24.57 -2.10 -37.44
CA ILE C 194 -25.36 -1.08 -36.76
C ILE C 194 -26.83 -1.28 -37.10
N SER C 195 -27.10 -1.80 -38.30
CA SER C 195 -28.42 -2.26 -38.69
C SER C 195 -28.25 -3.49 -39.59
N ASP C 196 -29.36 -3.93 -40.20
CA ASP C 196 -29.32 -5.04 -41.14
C ASP C 196 -28.67 -4.62 -42.47
N HIS C 197 -28.54 -3.30 -42.72
CA HIS C 197 -28.08 -2.82 -44.01
C HIS C 197 -26.80 -1.99 -43.91
N GLU C 198 -26.44 -1.50 -42.71
CA GLU C 198 -25.25 -0.67 -42.51
C GLU C 198 -24.34 -1.28 -41.46
N ALA C 199 -23.04 -0.93 -41.52
CA ALA C 199 -22.07 -1.35 -40.51
C ALA C 199 -21.05 -0.24 -40.27
N THR C 200 -20.39 -0.28 -39.10
CA THR C 200 -19.39 0.72 -38.72
C THR C 200 -18.01 0.12 -38.91
N LEU C 201 -17.21 0.75 -39.78
CA LEU C 201 -15.78 0.47 -39.88
C LEU C 201 -15.00 1.52 -39.09
N ARG C 202 -14.08 1.09 -38.22
CA ARG C 202 -13.30 2.02 -37.42
C ARG C 202 -11.82 1.68 -37.59
N CYS C 203 -11.03 2.66 -38.04
CA CYS C 203 -9.62 2.45 -38.27
C CYS C 203 -8.82 3.04 -37.11
N TRP C 204 -7.96 2.21 -36.50
CA TRP C 204 -7.24 2.54 -35.27
C TRP C 204 -5.76 2.71 -35.54
N ALA C 205 -5.19 3.73 -34.89
CA ALA C 205 -3.75 3.88 -34.81
C ALA C 205 -3.36 4.03 -33.34
N LEU C 206 -2.50 3.14 -32.84
CA LEU C 206 -2.17 3.08 -31.41
C LEU C 206 -0.66 3.09 -31.20
N GLY C 207 -0.25 3.75 -30.12
CA GLY C 207 1.09 3.60 -29.56
C GLY C 207 2.15 4.34 -30.38
N PHE C 208 1.75 5.43 -31.03
CA PHE C 208 2.63 6.18 -31.91
C PHE C 208 3.17 7.44 -31.21
N TYR C 209 4.40 7.81 -31.62
CA TYR C 209 5.08 9.01 -31.18
C TYR C 209 6.00 9.45 -32.33
N PRO C 210 6.02 10.74 -32.76
CA PRO C 210 5.18 11.81 -32.19
C PRO C 210 3.69 11.79 -32.52
N ALA C 211 2.98 12.79 -31.98
CA ALA C 211 1.54 12.86 -31.99
C ALA C 211 0.98 13.08 -33.41
N GLU C 212 1.77 13.76 -34.26
CA GLU C 212 1.34 14.12 -35.59
C GLU C 212 1.04 12.85 -36.37
N ILE C 213 -0.18 12.74 -36.86
CA ILE C 213 -0.57 11.62 -37.70
C ILE C 213 -1.68 12.02 -38.64
N THR C 214 -1.82 11.28 -39.76
CA THR C 214 -2.97 11.44 -40.65
C THR C 214 -3.70 10.11 -40.82
N LEU C 215 -5.02 10.16 -40.64
CA LEU C 215 -5.91 9.00 -40.68
C LEU C 215 -7.09 9.35 -41.56
N THR C 216 -7.22 8.67 -42.71
CA THR C 216 -8.33 8.94 -43.63
C THR C 216 -8.92 7.63 -44.15
N TRP C 217 -10.23 7.69 -44.39
CA TRP C 217 -10.95 6.68 -45.16
C TRP C 217 -11.12 7.17 -46.60
N GLN C 218 -10.80 6.28 -47.55
CA GLN C 218 -10.91 6.56 -48.98
C GLN C 218 -11.73 5.43 -49.64
N GLN C 219 -12.54 5.80 -50.64
CA GLN C 219 -13.44 4.86 -51.28
C GLN C 219 -13.15 4.77 -52.78
N ASP C 220 -13.02 3.52 -53.27
CA ASP C 220 -12.70 3.24 -54.67
C ASP C 220 -13.85 3.71 -55.58
N ASP C 227 -17.13 11.50 -45.82
CA ASP C 227 -17.08 12.32 -44.58
C ASP C 227 -16.91 11.37 -43.40
N THR C 228 -15.82 11.55 -42.64
CA THR C 228 -15.35 10.57 -41.66
C THR C 228 -15.66 11.09 -40.27
N GLU C 229 -15.77 10.19 -39.30
CA GLU C 229 -15.88 10.56 -37.90
C GLU C 229 -14.48 10.47 -37.28
N LEU C 230 -13.93 11.63 -36.89
CA LEU C 230 -12.60 11.66 -36.30
C LEU C 230 -12.71 11.89 -34.80
N VAL C 231 -11.82 11.24 -34.06
CA VAL C 231 -11.59 11.59 -32.67
C VAL C 231 -10.30 12.39 -32.63
N GLU C 232 -10.25 13.38 -31.74
CA GLU C 232 -9.04 14.12 -31.43
C GLU C 232 -7.95 13.14 -31.02
N THR C 233 -6.73 13.36 -31.50
CA THR C 233 -5.58 12.56 -31.09
C THR C 233 -5.43 12.68 -29.57
N ARG C 234 -5.27 11.53 -28.92
CA ARG C 234 -5.42 11.47 -27.47
C ARG C 234 -4.22 10.72 -26.88
N PRO C 235 -3.78 11.06 -25.66
CA PRO C 235 -2.65 10.39 -25.02
C PRO C 235 -3.05 9.02 -24.48
N ALA C 236 -2.17 8.03 -24.68
CA ALA C 236 -2.37 6.68 -24.14
C ALA C 236 -2.05 6.64 -22.65
N GLY C 237 -1.18 7.56 -22.20
CA GLY C 237 -0.78 7.68 -20.80
C GLY C 237 0.65 7.22 -20.58
N ASP C 238 1.27 6.60 -21.59
CA ASP C 238 2.62 6.07 -21.47
C ASP C 238 3.62 6.87 -22.32
N GLY C 239 3.17 8.00 -22.87
CA GLY C 239 4.02 8.84 -23.69
C GLY C 239 3.78 8.64 -25.20
N THR C 240 2.85 7.74 -25.56
CA THR C 240 2.43 7.55 -26.94
C THR C 240 1.00 8.07 -27.11
N PHE C 241 0.53 8.05 -28.36
CA PHE C 241 -0.76 8.61 -28.71
C PHE C 241 -1.65 7.59 -29.41
N GLN C 242 -2.93 7.94 -29.49
CA GLN C 242 -3.95 7.16 -30.14
C GLN C 242 -4.85 8.03 -31.00
N LYS C 243 -5.41 7.42 -32.06
CA LYS C 243 -6.45 8.07 -32.81
C LYS C 243 -7.31 7.02 -33.52
N TRP C 244 -8.57 7.35 -33.80
CA TRP C 244 -9.31 6.53 -34.75
C TRP C 244 -10.18 7.38 -35.66
N ALA C 245 -10.54 6.76 -36.79
CA ALA C 245 -11.50 7.31 -37.73
C ALA C 245 -12.49 6.21 -38.11
N ALA C 246 -13.78 6.57 -38.16
CA ALA C 246 -14.84 5.62 -38.49
C ALA C 246 -15.65 6.12 -39.68
N VAL C 247 -16.21 5.16 -40.42
CA VAL C 247 -17.22 5.44 -41.43
C VAL C 247 -18.32 4.39 -41.30
N VAL C 248 -19.55 4.81 -41.57
CA VAL C 248 -20.70 3.93 -41.71
C VAL C 248 -20.84 3.58 -43.19
N VAL C 249 -20.82 2.28 -43.52
CA VAL C 249 -20.88 1.84 -44.90
C VAL C 249 -22.01 0.82 -45.05
N PRO C 250 -22.53 0.59 -46.29
CA PRO C 250 -23.54 -0.44 -46.52
C PRO C 250 -22.93 -1.83 -46.35
N SER C 251 -23.69 -2.73 -45.69
CA SER C 251 -23.31 -4.12 -45.51
C SER C 251 -22.96 -4.77 -46.84
N GLY C 252 -21.87 -5.54 -46.84
CA GLY C 252 -21.42 -6.24 -48.04
C GLY C 252 -20.56 -5.36 -48.94
N GLU C 253 -20.38 -4.08 -48.56
CA GLU C 253 -19.65 -3.12 -49.38
C GLU C 253 -18.31 -2.74 -48.72
N GLU C 254 -17.98 -3.36 -47.59
CA GLU C 254 -16.82 -2.95 -46.80
C GLU C 254 -15.51 -2.98 -47.60
N GLN C 255 -15.39 -3.88 -48.59
CA GLN C 255 -14.14 -4.07 -49.33
C GLN C 255 -13.77 -2.85 -50.16
N ARG C 256 -14.71 -1.92 -50.35
CA ARG C 256 -14.46 -0.76 -51.18
C ARG C 256 -13.76 0.36 -50.39
N TYR C 257 -13.55 0.18 -49.08
CA TYR C 257 -13.03 1.24 -48.24
C TYR C 257 -11.63 0.92 -47.75
N THR C 258 -10.73 1.92 -47.83
CA THR C 258 -9.35 1.76 -47.43
C THR C 258 -9.01 2.88 -46.45
N CYS C 259 -8.39 2.47 -45.34
CA CYS C 259 -7.85 3.41 -44.37
C CYS C 259 -6.40 3.71 -44.75
N HIS C 260 -6.06 4.99 -44.82
CA HIS C 260 -4.69 5.43 -45.06
C HIS C 260 -4.11 6.02 -43.79
N VAL C 261 -2.88 5.59 -43.45
CA VAL C 261 -2.21 6.09 -42.28
C VAL C 261 -0.82 6.59 -42.66
N GLN C 262 -0.56 7.87 -42.37
CA GLN C 262 0.76 8.43 -42.59
C GLN C 262 1.40 8.80 -41.24
N HIS C 263 2.67 8.42 -41.04
CA HIS C 263 3.38 8.77 -39.82
C HIS C 263 4.89 8.78 -40.12
N GLU C 264 5.62 9.67 -39.45
CA GLU C 264 7.06 9.81 -39.64
C GLU C 264 7.80 8.51 -39.29
N GLY C 265 7.23 7.68 -38.41
CA GLY C 265 7.84 6.41 -38.03
C GLY C 265 7.59 5.29 -39.04
N LEU C 266 6.72 5.54 -40.03
CA LEU C 266 6.47 4.60 -41.13
C LEU C 266 7.31 4.98 -42.35
N PRO C 267 8.24 4.11 -42.82
CA PRO C 267 8.96 4.35 -44.08
C PRO C 267 8.05 4.89 -45.19
N GLU C 268 6.94 4.17 -45.44
CA GLU C 268 5.93 4.63 -46.38
C GLU C 268 4.55 4.40 -45.78
N PRO C 269 3.53 5.15 -46.23
CA PRO C 269 2.16 5.01 -45.72
C PRO C 269 1.73 3.55 -45.70
N VAL C 270 0.90 3.22 -44.72
CA VAL C 270 0.27 1.90 -44.65
C VAL C 270 -1.19 2.07 -45.06
N THR C 271 -1.77 1.05 -45.69
CA THR C 271 -3.18 1.03 -46.03
C THR C 271 -3.79 -0.23 -45.42
N LEU C 272 -5.03 -0.15 -44.92
CA LEU C 272 -5.71 -1.26 -44.26
C LEU C 272 -7.12 -1.36 -44.83
N ARG C 273 -7.61 -2.60 -44.95
CA ARG C 273 -8.97 -2.85 -45.38
C ARG C 273 -9.63 -3.91 -44.49
N TRP C 274 -10.96 -3.95 -44.54
CA TRP C 274 -11.73 -5.01 -43.93
C TRP C 274 -12.18 -6.01 -44.99
N MET D 1 -16.57 37.18 -20.19
CA MET D 1 -15.96 35.96 -19.62
C MET D 1 -16.28 34.77 -20.53
N ILE D 2 -15.27 34.39 -21.32
CA ILE D 2 -15.22 33.14 -22.05
C ILE D 2 -15.47 31.98 -21.10
N GLN D 3 -16.38 31.07 -21.49
CA GLN D 3 -16.35 29.73 -20.92
C GLN D 3 -16.51 28.74 -22.06
N ARG D 4 -15.79 27.62 -21.98
CA ARG D 4 -15.69 26.64 -23.05
C ARG D 4 -15.89 25.25 -22.43
N THR D 5 -16.86 24.52 -22.98
CA THR D 5 -17.28 23.27 -22.36
C THR D 5 -16.34 22.14 -22.78
N PRO D 6 -15.94 21.25 -21.86
CA PRO D 6 -14.94 20.24 -22.15
C PRO D 6 -15.46 19.21 -23.15
N LYS D 7 -14.56 18.75 -24.00
CA LYS D 7 -14.73 17.48 -24.69
C LYS D 7 -14.22 16.39 -23.78
N ILE D 8 -14.86 15.21 -23.83
CA ILE D 8 -14.56 14.13 -22.89
C ILE D 8 -14.36 12.86 -23.71
N GLN D 9 -13.20 12.20 -23.55
CA GLN D 9 -13.02 10.86 -24.10
C GLN D 9 -12.68 9.88 -22.99
N VAL D 10 -13.34 8.73 -23.02
CA VAL D 10 -13.09 7.70 -22.02
C VAL D 10 -12.64 6.45 -22.76
N TYR D 11 -11.48 5.90 -22.37
CA TYR D 11 -10.85 4.85 -23.14
C TYR D 11 -9.75 4.16 -22.34
N SER D 12 -9.36 2.96 -22.82
CA SER D 12 -8.26 2.22 -22.22
C SER D 12 -6.98 2.49 -22.97
N ARG D 13 -5.87 2.35 -22.26
CA ARG D 13 -4.55 2.50 -22.83
C ARG D 13 -4.30 1.45 -23.92
N HIS D 14 -4.74 0.22 -23.65
CA HIS D 14 -4.59 -0.86 -24.61
C HIS D 14 -5.97 -1.41 -24.93
N PRO D 15 -6.17 -2.03 -26.12
CA PRO D 15 -7.44 -2.69 -26.41
C PRO D 15 -7.69 -3.66 -25.26
N ALA D 16 -8.93 -3.69 -24.78
CA ALA D 16 -9.24 -4.31 -23.51
C ALA D 16 -9.59 -5.78 -23.71
N GLU D 17 -8.91 -6.65 -22.94
CA GLU D 17 -9.33 -8.03 -22.72
C GLU D 17 -9.68 -8.18 -21.25
N ASN D 18 -10.85 -8.77 -20.97
CA ASN D 18 -11.23 -9.09 -19.60
C ASN D 18 -10.17 -10.01 -18.97
N GLY D 19 -9.78 -9.70 -17.72
CA GLY D 19 -8.86 -10.53 -16.97
C GLY D 19 -7.42 -10.01 -17.04
N LYS D 20 -7.15 -9.08 -17.97
CA LYS D 20 -5.79 -8.57 -18.17
C LYS D 20 -5.71 -7.12 -17.69
N SER D 21 -4.61 -6.81 -16.99
CA SER D 21 -4.35 -5.49 -16.43
C SER D 21 -4.25 -4.44 -17.54
N ASN D 22 -4.72 -3.22 -17.28
CA ASN D 22 -4.85 -2.18 -18.30
C ASN D 22 -4.87 -0.84 -17.57
N PHE D 23 -5.08 0.26 -18.32
CA PHE D 23 -5.26 1.56 -17.68
C PHE D 23 -6.51 2.17 -18.28
N LEU D 24 -7.38 2.71 -17.42
CA LEU D 24 -8.58 3.42 -17.84
C LEU D 24 -8.27 4.90 -17.83
N ASN D 25 -8.58 5.58 -18.94
CA ASN D 25 -8.25 6.98 -19.13
C ASN D 25 -9.51 7.82 -19.33
N CYS D 26 -9.50 9.02 -18.75
CA CYS D 26 -10.48 10.03 -19.11
C CYS D 26 -9.73 11.29 -19.54
N TYR D 27 -9.83 11.63 -20.83
CA TYR D 27 -9.09 12.77 -21.37
C TYR D 27 -10.10 13.89 -21.54
N VAL D 28 -9.84 15.02 -20.87
CA VAL D 28 -10.75 16.16 -20.89
C VAL D 28 -10.02 17.33 -21.54
N SER D 29 -10.59 17.92 -22.58
CA SER D 29 -9.85 18.91 -23.36
C SER D 29 -10.79 20.03 -23.80
N GLY D 30 -10.20 21.13 -24.26
CA GLY D 30 -10.92 22.22 -24.89
C GLY D 30 -11.79 23.02 -23.90
N PHE D 31 -11.41 23.08 -22.62
CA PHE D 31 -12.27 23.69 -21.61
C PHE D 31 -11.62 24.96 -21.08
N HIS D 32 -12.49 25.83 -20.57
CA HIS D 32 -12.09 27.04 -19.90
C HIS D 32 -13.26 27.47 -19.03
N PRO D 33 -13.09 27.91 -17.77
CA PRO D 33 -11.79 28.02 -17.10
C PRO D 33 -11.20 26.69 -16.65
N SER D 34 -10.06 26.72 -15.93
CA SER D 34 -9.28 25.50 -15.72
C SER D 34 -9.83 24.70 -14.55
N ASP D 35 -10.59 25.33 -13.65
CA ASP D 35 -11.16 24.64 -12.51
C ASP D 35 -12.10 23.53 -13.03
N ILE D 36 -11.79 22.28 -12.67
CA ILE D 36 -12.55 21.13 -13.12
C ILE D 36 -12.32 20.00 -12.13
N GLU D 37 -13.32 19.12 -12.02
CA GLU D 37 -13.23 17.94 -11.19
C GLU D 37 -13.55 16.75 -12.09
N VAL D 38 -12.67 15.75 -12.07
CA VAL D 38 -12.84 14.60 -12.92
C VAL D 38 -12.69 13.37 -12.03
N ASP D 39 -13.69 12.48 -12.08
CA ASP D 39 -13.65 11.24 -11.34
C ASP D 39 -13.89 10.07 -12.28
N LEU D 40 -13.16 8.97 -12.05
CA LEU D 40 -13.42 7.71 -12.71
C LEU D 40 -14.31 6.90 -11.77
N LEU D 41 -15.37 6.31 -12.34
CA LEU D 41 -16.35 5.51 -11.60
C LEU D 41 -16.26 4.05 -12.01
N LYS D 42 -16.41 3.18 -11.00
CA LYS D 42 -16.66 1.76 -11.21
C LYS D 42 -18.01 1.42 -10.60
N ASN D 43 -18.93 0.94 -11.43
CA ASN D 43 -20.31 0.65 -11.02
C ASN D 43 -20.88 1.81 -10.21
N GLY D 44 -20.61 3.04 -10.67
CA GLY D 44 -21.25 4.23 -10.14
C GLY D 44 -20.53 4.81 -8.92
N GLU D 45 -19.47 4.17 -8.40
CA GLU D 45 -18.80 4.73 -7.23
C GLU D 45 -17.39 5.17 -7.58
N ARG D 46 -16.95 6.28 -6.95
CA ARG D 46 -15.73 6.94 -7.33
C ARG D 46 -14.52 6.07 -6.99
N ILE D 47 -13.55 6.01 -7.91
CA ILE D 47 -12.30 5.30 -7.74
C ILE D 47 -11.30 6.28 -7.12
N GLU D 48 -10.74 5.89 -5.97
CA GLU D 48 -9.53 6.52 -5.44
C GLU D 48 -8.38 5.87 -6.19
N LYS D 49 -7.16 6.37 -6.07
CA LYS D 49 -6.07 5.81 -6.85
C LYS D 49 -6.32 6.15 -8.32
N VAL D 50 -6.74 7.39 -8.50
CA VAL D 50 -6.74 8.04 -9.80
C VAL D 50 -5.69 9.13 -9.73
N GLU D 51 -4.87 9.21 -10.77
CA GLU D 51 -3.91 10.29 -10.89
C GLU D 51 -4.25 11.09 -12.15
N HIS D 52 -3.58 12.22 -12.30
CA HIS D 52 -3.81 13.06 -13.46
C HIS D 52 -2.54 13.75 -13.92
N SER D 53 -2.53 14.11 -15.20
CA SER D 53 -1.46 14.91 -15.77
C SER D 53 -1.46 16.32 -15.19
N ASP D 54 -0.32 16.99 -15.38
CA ASP D 54 -0.19 18.39 -15.05
C ASP D 54 -1.00 19.25 -16.03
N LEU D 55 -1.69 20.25 -15.48
CA LEU D 55 -2.47 21.17 -16.29
C LEU D 55 -1.62 21.78 -17.40
N SER D 56 -2.13 21.66 -18.63
CA SER D 56 -1.53 22.33 -19.78
C SER D 56 -2.63 22.87 -20.67
N PHE D 57 -2.26 23.52 -21.78
CA PHE D 57 -3.24 24.08 -22.66
C PHE D 57 -2.68 24.12 -24.08
N SER D 58 -3.62 24.26 -25.01
CA SER D 58 -3.36 24.25 -26.43
C SER D 58 -3.16 25.67 -26.92
N LYS D 59 -2.83 25.80 -28.22
CA LYS D 59 -2.58 27.07 -28.86
C LYS D 59 -3.78 28.01 -28.74
N ASP D 60 -5.00 27.47 -28.68
CA ASP D 60 -6.21 28.28 -28.57
C ASP D 60 -6.55 28.63 -27.12
N TRP D 61 -5.65 28.33 -26.18
CA TRP D 61 -5.72 28.66 -24.76
C TRP D 61 -6.56 27.66 -23.97
N SER D 62 -7.27 26.74 -24.66
CA SER D 62 -8.13 25.83 -23.92
C SER D 62 -7.30 24.77 -23.22
N PHE D 63 -7.77 24.33 -22.04
CA PHE D 63 -7.00 23.44 -21.17
C PHE D 63 -7.27 21.98 -21.51
N TYR D 64 -6.33 21.11 -21.10
CA TYR D 64 -6.52 19.67 -21.21
C TYR D 64 -5.80 18.96 -20.04
N LEU D 65 -6.43 17.86 -19.61
CA LEU D 65 -5.96 16.97 -18.57
C LEU D 65 -6.27 15.51 -18.95
N LEU D 66 -5.37 14.61 -18.53
CA LEU D 66 -5.65 13.18 -18.53
C LEU D 66 -5.72 12.67 -17.09
N TYR D 67 -6.83 12.02 -16.76
CA TYR D 67 -7.05 11.28 -15.51
C TYR D 67 -6.97 9.79 -15.85
N TYR D 68 -6.34 9.00 -14.98
CA TYR D 68 -6.09 7.61 -15.32
C TYR D 68 -5.96 6.77 -14.05
N THR D 69 -6.25 5.49 -14.20
CA THR D 69 -6.19 4.50 -13.13
C THR D 69 -5.89 3.12 -13.72
N GLU D 70 -5.09 2.33 -12.99
CA GLU D 70 -4.88 0.93 -13.30
C GLU D 70 -6.18 0.18 -13.06
N PHE D 71 -6.56 -0.69 -14.01
CA PHE D 71 -7.71 -1.52 -13.79
C PHE D 71 -7.56 -2.83 -14.55
N THR D 72 -8.40 -3.78 -14.14
CA THR D 72 -8.58 -5.03 -14.86
C THR D 72 -10.05 -5.14 -15.27
N PRO D 73 -10.35 -4.93 -16.58
CA PRO D 73 -11.73 -4.93 -17.07
C PRO D 73 -12.37 -6.30 -16.88
N THR D 74 -13.69 -6.31 -16.77
CA THR D 74 -14.47 -7.54 -16.76
C THR D 74 -15.73 -7.29 -17.56
N GLU D 75 -16.45 -8.37 -17.85
CA GLU D 75 -17.70 -8.28 -18.59
C GLU D 75 -18.73 -7.51 -17.77
N LYS D 76 -18.71 -7.71 -16.43
CA LYS D 76 -19.80 -7.24 -15.60
C LYS D 76 -19.58 -5.78 -15.19
N ASP D 77 -18.34 -5.37 -14.94
CA ASP D 77 -18.10 -4.05 -14.37
C ASP D 77 -18.40 -2.95 -15.40
N GLU D 78 -18.94 -1.84 -14.90
CA GLU D 78 -19.36 -0.71 -15.73
C GLU D 78 -18.49 0.48 -15.31
N TYR D 79 -17.71 1.04 -16.26
CA TYR D 79 -16.81 2.14 -15.92
C TYR D 79 -17.30 3.40 -16.61
N ALA D 80 -17.01 4.55 -15.99
CA ALA D 80 -17.40 5.82 -16.55
C ALA D 80 -16.49 6.92 -16.03
N CYS D 81 -16.59 8.07 -16.69
CA CYS D 81 -15.90 9.27 -16.26
C CYS D 81 -16.94 10.31 -15.89
N ARG D 82 -16.79 10.94 -14.72
CA ARG D 82 -17.70 12.00 -14.29
C ARG D 82 -16.94 13.34 -14.26
N VAL D 83 -17.44 14.30 -15.03
CA VAL D 83 -16.83 15.62 -15.18
C VAL D 83 -17.71 16.72 -14.60
N ASN D 84 -17.13 17.52 -13.70
CA ASN D 84 -17.83 18.59 -12.99
C ASN D 84 -17.16 19.89 -13.39
N HIS D 85 -17.90 20.73 -14.16
CA HIS D 85 -17.36 21.97 -14.72
C HIS D 85 -18.50 22.99 -14.80
N VAL D 86 -18.13 24.27 -14.65
CA VAL D 86 -19.06 25.39 -14.58
C VAL D 86 -19.96 25.42 -15.83
N THR D 87 -19.51 24.90 -16.98
CA THR D 87 -20.28 24.96 -18.21
C THR D 87 -21.39 23.91 -18.23
N LEU D 88 -21.38 22.99 -17.26
CA LEU D 88 -22.33 21.88 -17.20
C LEU D 88 -23.31 22.13 -16.05
N SER D 89 -24.60 22.20 -16.39
CA SER D 89 -25.66 22.35 -15.42
C SER D 89 -25.61 21.27 -14.35
N GLN D 90 -25.24 20.05 -14.74
CA GLN D 90 -24.98 19.01 -13.77
C GLN D 90 -23.77 18.18 -14.21
N PRO D 91 -23.10 17.48 -13.28
CA PRO D 91 -21.92 16.70 -13.65
C PRO D 91 -22.27 15.78 -14.80
N LYS D 92 -21.37 15.71 -15.79
CA LYS D 92 -21.61 14.90 -16.97
C LYS D 92 -20.93 13.55 -16.79
N ILE D 93 -21.67 12.48 -17.04
CA ILE D 93 -21.17 11.12 -16.88
C ILE D 93 -21.09 10.46 -18.24
N VAL D 94 -19.87 10.07 -18.65
CA VAL D 94 -19.64 9.45 -19.95
C VAL D 94 -19.18 8.02 -19.72
N LYS D 95 -19.89 7.06 -20.33
CA LYS D 95 -19.60 5.65 -20.12
C LYS D 95 -18.40 5.22 -20.95
N TRP D 96 -17.64 4.28 -20.39
CA TRP D 96 -16.58 3.63 -21.14
C TRP D 96 -17.18 2.63 -22.12
N ASP D 97 -16.86 2.82 -23.40
CA ASP D 97 -17.22 1.89 -24.47
C ASP D 97 -15.91 1.37 -25.04
N ARG D 98 -15.64 0.07 -24.86
CA ARG D 98 -14.33 -0.48 -25.18
C ARG D 98 -14.04 -0.38 -26.68
N ASP D 99 -15.03 -0.10 -27.52
CA ASP D 99 -14.77 -0.02 -28.95
C ASP D 99 -14.55 1.43 -29.40
N MET D 100 -14.23 2.35 -28.47
CA MET D 100 -14.19 3.78 -28.77
C MET D 100 -13.08 4.51 -27.98
N VAL E 1 15.22 25.13 -20.03
CA VAL E 1 15.07 26.01 -18.84
C VAL E 1 14.04 27.10 -19.18
N MET E 2 13.44 27.63 -18.12
CA MET E 2 12.46 28.70 -18.17
C MET E 2 13.15 30.06 -18.23
N PRO E 3 12.48 31.12 -18.71
CA PRO E 3 13.09 32.47 -18.68
C PRO E 3 13.41 32.96 -17.27
N LEU E 4 14.44 33.81 -17.20
CA LEU E 4 14.94 34.38 -15.97
C LEU E 4 14.19 35.66 -15.62
N SER E 5 13.37 36.17 -16.54
CA SER E 5 12.48 37.29 -16.26
C SER E 5 11.09 37.00 -16.82
N ALA E 6 10.08 37.29 -16.01
CA ALA E 6 8.70 37.17 -16.45
C ALA E 6 8.16 38.58 -16.61
N PRO E 7 7.50 38.94 -17.75
CA PRO E 7 6.97 40.28 -17.94
C PRO E 7 5.95 40.70 -16.89
N THR E 8 6.08 41.96 -16.46
CA THR E 8 5.08 42.61 -15.64
C THR E 8 4.07 43.26 -16.58
N LEU E 9 2.78 43.05 -16.33
CA LEU E 9 1.72 43.55 -17.17
C LEU E 9 1.12 44.84 -16.57
N GLY F 1 -19.96 -15.11 -8.95
CA GLY F 1 -18.76 -14.29 -8.70
C GLY F 1 -17.48 -15.07 -9.04
N SER F 2 -16.44 -14.85 -8.23
CA SER F 2 -15.22 -15.63 -8.31
C SER F 2 -15.46 -17.03 -7.78
N HIS F 3 -15.06 -18.05 -8.55
CA HIS F 3 -15.00 -19.43 -8.10
C HIS F 3 -13.55 -19.90 -8.10
N SER F 4 -13.28 -20.94 -7.31
CA SER F 4 -11.93 -21.40 -7.11
C SER F 4 -11.92 -22.91 -6.87
N LEU F 5 -10.90 -23.59 -7.42
CA LEU F 5 -10.65 -25.00 -7.19
C LEU F 5 -9.27 -25.10 -6.54
N LYS F 6 -9.23 -25.63 -5.31
CA LYS F 6 -8.06 -25.55 -4.47
C LYS F 6 -7.84 -26.89 -3.77
N TYR F 7 -6.58 -27.23 -3.55
CA TYR F 7 -6.26 -28.44 -2.79
C TYR F 7 -5.25 -28.08 -1.70
N PHE F 8 -5.35 -28.81 -0.58
CA PHE F 8 -4.46 -28.68 0.56
C PHE F 8 -3.86 -30.05 0.87
N HIS F 9 -2.55 -30.19 0.80
CA HIS F 9 -1.90 -31.47 1.03
C HIS F 9 -0.98 -31.34 2.22
N THR F 10 -1.04 -32.34 3.12
CA THR F 10 -0.21 -32.37 4.30
C THR F 10 0.46 -33.74 4.43
N SER F 11 1.77 -33.75 4.67
CA SER F 11 2.45 -34.97 5.02
C SER F 11 3.26 -34.72 6.29
N VAL F 12 3.11 -35.64 7.25
CA VAL F 12 3.71 -35.55 8.57
C VAL F 12 4.52 -36.82 8.82
N SER F 13 5.80 -36.65 9.13
CA SER F 13 6.65 -37.80 9.41
C SER F 13 6.42 -38.27 10.84
N ARG F 14 6.47 -39.59 11.02
CA ARG F 14 6.11 -40.24 12.27
C ARG F 14 7.29 -41.14 12.65
N PRO F 15 8.25 -40.64 13.44
CA PRO F 15 9.48 -41.39 13.72
C PRO F 15 9.18 -42.68 14.48
N GLY F 16 9.46 -43.83 13.85
CA GLY F 16 9.27 -45.14 14.46
C GLY F 16 7.87 -45.73 14.26
N ARG F 17 6.92 -44.90 13.79
CA ARG F 17 5.51 -45.28 13.73
C ARG F 17 5.09 -45.55 12.28
N GLY F 18 6.03 -45.97 11.43
CA GLY F 18 5.74 -46.36 10.06
C GLY F 18 5.80 -45.17 9.09
N GLU F 19 4.97 -45.24 8.03
CA GLU F 19 5.04 -44.32 6.91
C GLU F 19 4.64 -42.93 7.38
N PRO F 20 5.04 -41.83 6.71
CA PRO F 20 4.38 -40.54 6.97
C PRO F 20 2.87 -40.63 6.74
N ARG F 21 2.10 -39.77 7.43
CA ARG F 21 0.67 -39.65 7.24
C ARG F 21 0.45 -38.58 6.19
N PHE F 22 -0.23 -38.93 5.11
CA PHE F 22 -0.49 -37.99 4.02
C PHE F 22 -1.98 -37.80 3.86
N ILE F 23 -2.40 -36.53 3.80
CA ILE F 23 -3.80 -36.20 3.62
C ILE F 23 -3.89 -35.10 2.58
N SER F 24 -4.76 -35.31 1.59
CA SER F 24 -5.09 -34.31 0.61
C SER F 24 -6.59 -34.00 0.68
N VAL F 25 -6.96 -32.71 0.65
CA VAL F 25 -8.36 -32.35 0.59
C VAL F 25 -8.55 -31.37 -0.55
N GLY F 26 -9.69 -31.52 -1.23
CA GLY F 26 -10.05 -30.65 -2.35
C GLY F 26 -11.28 -29.81 -2.03
N TYR F 27 -11.24 -28.53 -2.43
CA TYR F 27 -12.34 -27.61 -2.22
C TYR F 27 -12.73 -26.91 -3.52
N VAL F 28 -14.04 -26.72 -3.71
CA VAL F 28 -14.56 -25.72 -4.64
C VAL F 28 -15.14 -24.61 -3.79
N ASP F 29 -14.53 -23.41 -3.87
CA ASP F 29 -14.90 -22.30 -3.02
C ASP F 29 -14.72 -22.74 -1.55
N ASP F 30 -15.79 -22.65 -0.76
CA ASP F 30 -15.74 -23.03 0.63
C ASP F 30 -16.29 -24.44 0.87
N THR F 31 -16.44 -25.26 -0.17
CA THR F 31 -17.06 -26.59 -0.07
C THR F 31 -16.03 -27.69 -0.36
N GLN F 32 -15.75 -28.52 0.65
CA GLN F 32 -14.90 -29.67 0.43
C GLN F 32 -15.64 -30.67 -0.43
N PHE F 33 -14.93 -31.34 -1.36
CA PHE F 33 -15.60 -32.25 -2.26
C PHE F 33 -14.86 -33.58 -2.39
N VAL F 34 -13.57 -33.64 -2.01
CA VAL F 34 -12.81 -34.88 -2.05
C VAL F 34 -11.79 -34.90 -0.92
N ARG F 35 -11.34 -36.13 -0.62
CA ARG F 35 -10.38 -36.44 0.42
C ARG F 35 -9.55 -37.65 -0.01
N PHE F 36 -8.25 -37.62 0.29
CA PHE F 36 -7.39 -38.80 0.28
C PHE F 36 -6.57 -38.81 1.57
N ASP F 37 -6.64 -39.94 2.28
CA ASP F 37 -5.93 -40.13 3.53
C ASP F 37 -5.29 -41.50 3.46
N ASN F 38 -3.98 -41.58 3.61
CA ASN F 38 -3.35 -42.88 3.48
C ASN F 38 -3.08 -43.51 4.84
N ASP F 39 -3.81 -43.08 5.86
CA ASP F 39 -3.78 -43.78 7.14
C ASP F 39 -4.79 -44.92 7.14
N ALA F 40 -4.62 -45.89 6.24
CA ALA F 40 -5.49 -47.06 6.16
C ALA F 40 -5.03 -47.91 4.98
N ALA F 41 -5.51 -49.15 4.92
CA ALA F 41 -4.87 -50.19 4.12
C ALA F 41 -4.82 -49.83 2.64
N SER F 42 -5.99 -49.67 2.01
CA SER F 42 -6.08 -49.49 0.56
C SER F 42 -6.62 -48.10 0.28
N PRO F 43 -5.83 -47.03 0.51
CA PRO F 43 -6.39 -45.68 0.54
C PRO F 43 -6.79 -45.25 -0.86
N ARG F 44 -7.98 -44.64 -0.96
CA ARG F 44 -8.49 -44.13 -2.21
C ARG F 44 -8.83 -42.66 -2.02
N MET F 45 -8.85 -41.91 -3.13
CA MET F 45 -9.59 -40.66 -3.18
C MET F 45 -11.08 -40.97 -3.10
N VAL F 46 -11.81 -40.26 -2.23
CA VAL F 46 -13.21 -40.52 -1.98
C VAL F 46 -13.98 -39.20 -2.04
N PRO F 47 -15.26 -39.26 -2.44
CA PRO F 47 -16.12 -38.07 -2.44
C PRO F 47 -16.44 -37.61 -1.03
N ARG F 48 -16.55 -36.29 -0.86
CA ARG F 48 -16.90 -35.68 0.41
C ARG F 48 -18.04 -34.67 0.22
N ALA F 49 -18.65 -34.70 -0.96
CA ALA F 49 -19.88 -33.94 -1.22
C ALA F 49 -20.86 -34.81 -2.01
N PRO F 50 -22.19 -34.67 -1.80
CA PRO F 50 -23.17 -35.53 -2.46
C PRO F 50 -23.07 -35.54 -3.98
N TRP F 51 -22.75 -34.38 -4.55
CA TRP F 51 -22.73 -34.24 -5.99
C TRP F 51 -21.49 -34.88 -6.61
N MET F 52 -20.60 -35.51 -5.82
CA MET F 52 -19.46 -36.22 -6.38
C MET F 52 -19.73 -37.72 -6.42
N GLU F 53 -20.78 -38.18 -5.73
CA GLU F 53 -21.07 -39.61 -5.59
C GLU F 53 -21.28 -40.24 -6.97
N GLN F 54 -21.75 -39.45 -7.94
CA GLN F 54 -22.13 -39.95 -9.26
C GLN F 54 -20.93 -40.14 -10.18
N GLU F 55 -19.71 -39.78 -9.74
CA GLU F 55 -18.54 -39.92 -10.58
C GLU F 55 -18.28 -41.40 -10.85
N GLY F 56 -17.73 -41.68 -12.03
CA GLY F 56 -17.45 -43.05 -12.45
C GLY F 56 -16.13 -43.54 -11.86
N SER F 57 -15.93 -44.85 -11.95
CA SER F 57 -14.73 -45.49 -11.43
C SER F 57 -13.48 -44.92 -12.08
N GLU F 58 -13.56 -44.52 -13.36
CA GLU F 58 -12.41 -43.96 -14.07
C GLU F 58 -11.87 -42.73 -13.34
N TYR F 59 -12.77 -41.91 -12.79
CA TYR F 59 -12.35 -40.71 -12.07
C TYR F 59 -11.63 -41.09 -10.77
N TRP F 60 -12.22 -41.98 -9.97
CA TRP F 60 -11.63 -42.33 -8.69
C TRP F 60 -10.31 -43.09 -8.88
N ASP F 61 -10.21 -43.91 -9.93
CA ASP F 61 -8.96 -44.61 -10.21
C ASP F 61 -7.83 -43.62 -10.50
N ARG F 62 -8.12 -42.61 -11.35
CA ARG F 62 -7.14 -41.60 -11.72
C ARG F 62 -6.74 -40.76 -10.51
N GLU F 63 -7.74 -40.29 -9.77
CA GLU F 63 -7.49 -39.43 -8.63
C GLU F 63 -6.74 -40.20 -7.54
N THR F 64 -7.05 -41.48 -7.33
CA THR F 64 -6.32 -42.28 -6.36
C THR F 64 -4.86 -42.39 -6.79
N ARG F 65 -4.62 -42.62 -8.07
CA ARG F 65 -3.26 -42.77 -8.55
C ARG F 65 -2.46 -41.49 -8.30
N SER F 66 -3.07 -40.34 -8.63
CA SER F 66 -2.40 -39.07 -8.48
C SER F 66 -2.02 -38.80 -7.03
N ALA F 67 -2.97 -39.10 -6.14
CA ALA F 67 -2.76 -38.90 -4.71
C ALA F 67 -1.66 -39.82 -4.19
N ARG F 68 -1.68 -41.10 -4.59
CA ARG F 68 -0.66 -42.02 -4.08
C ARG F 68 0.72 -41.63 -4.59
N ASP F 69 0.77 -41.19 -5.85
CA ASP F 69 2.00 -40.72 -6.47
C ASP F 69 2.52 -39.51 -5.68
N THR F 70 1.63 -38.59 -5.34
CA THR F 70 2.00 -37.40 -4.56
C THR F 70 2.48 -37.77 -3.17
N ALA F 71 1.79 -38.69 -2.49
CA ALA F 71 2.23 -39.10 -1.17
C ALA F 71 3.65 -39.67 -1.23
N GLN F 72 3.94 -40.46 -2.27
CA GLN F 72 5.27 -41.03 -2.39
C GLN F 72 6.32 -39.93 -2.61
N ILE F 73 6.01 -38.93 -3.43
CA ILE F 73 6.94 -37.81 -3.63
C ILE F 73 7.11 -37.06 -2.30
N PHE F 74 6.03 -36.91 -1.52
CA PHE F 74 6.14 -36.19 -0.26
C PHE F 74 6.98 -36.96 0.75
N ARG F 75 6.90 -38.30 0.74
CA ARG F 75 7.70 -39.12 1.62
C ARG F 75 9.18 -38.88 1.32
N VAL F 76 9.53 -38.88 0.02
CA VAL F 76 10.92 -38.66 -0.40
C VAL F 76 11.34 -37.25 -0.01
N ASN F 77 10.46 -36.27 -0.23
CA ASN F 77 10.72 -34.89 0.14
C ASN F 77 11.04 -34.74 1.64
N LEU F 78 10.29 -35.42 2.53
CA LEU F 78 10.57 -35.30 3.95
C LEU F 78 11.97 -35.77 4.30
N ARG F 79 12.38 -36.89 3.69
CA ARG F 79 13.74 -37.36 3.90
C ARG F 79 14.74 -36.32 3.44
N THR F 80 14.56 -35.83 2.21
CA THR F 80 15.49 -34.90 1.61
C THR F 80 15.65 -33.67 2.50
N LEU F 81 14.52 -33.16 3.01
CA LEU F 81 14.52 -31.91 3.75
C LEU F 81 15.23 -32.07 5.09
N ARG F 82 15.11 -33.23 5.75
CA ARG F 82 15.86 -33.51 6.96
C ARG F 82 17.36 -33.46 6.67
N GLY F 83 17.74 -33.90 5.46
CA GLY F 83 19.13 -33.79 5.02
C GLY F 83 19.57 -32.35 4.84
N TYR F 84 18.76 -31.55 4.15
CA TYR F 84 19.11 -30.16 3.89
C TYR F 84 19.34 -29.45 5.23
N TYR F 85 18.50 -29.72 6.23
CA TYR F 85 18.55 -28.95 7.48
C TYR F 85 19.29 -29.67 8.61
N ASN F 86 19.96 -30.81 8.33
CA ASN F 86 20.75 -31.53 9.32
C ASN F 86 19.90 -31.90 10.54
N GLN F 87 18.72 -32.49 10.29
CA GLN F 87 17.83 -32.92 11.36
C GLN F 87 17.86 -34.44 11.45
N SER F 88 17.73 -34.97 12.68
CA SER F 88 17.82 -36.41 12.91
C SER F 88 16.50 -37.09 12.56
N GLU F 89 16.53 -38.42 12.59
CA GLU F 89 15.39 -39.26 12.24
C GLU F 89 14.34 -39.22 13.36
N ALA F 90 14.72 -38.68 14.53
CA ALA F 90 13.92 -38.80 15.74
C ALA F 90 12.76 -37.80 15.78
N GLY F 91 12.82 -36.71 15.01
CA GLY F 91 11.80 -35.68 15.10
C GLY F 91 10.71 -35.83 14.04
N SER F 92 9.50 -35.40 14.39
CA SER F 92 8.39 -35.29 13.46
C SER F 92 8.45 -33.95 12.71
N HIS F 93 8.25 -34.01 11.39
CA HIS F 93 8.29 -32.83 10.53
C HIS F 93 7.09 -32.82 9.58
N THR F 94 6.75 -31.63 9.10
CA THR F 94 5.57 -31.40 8.29
C THR F 94 5.97 -30.81 6.95
N LEU F 95 5.35 -31.32 5.88
CA LEU F 95 5.42 -30.70 4.58
C LEU F 95 4.01 -30.40 4.11
N GLN F 96 3.78 -29.15 3.70
CA GLN F 96 2.47 -28.75 3.19
C GLN F 96 2.63 -28.20 1.78
N TRP F 97 1.62 -28.47 0.97
CA TRP F 97 1.48 -27.97 -0.39
C TRP F 97 0.06 -27.48 -0.61
N MET F 98 -0.10 -26.24 -1.06
CA MET F 98 -1.39 -25.73 -1.44
C MET F 98 -1.31 -25.18 -2.86
N HIS F 99 -2.34 -25.44 -3.64
CA HIS F 99 -2.45 -24.92 -4.99
C HIS F 99 -3.90 -24.65 -5.30
N GLY F 100 -4.12 -23.76 -6.28
CA GLY F 100 -5.48 -23.52 -6.71
C GLY F 100 -5.51 -22.56 -7.89
N CYS F 101 -6.65 -22.60 -8.56
CA CYS F 101 -6.98 -21.67 -9.63
C CYS F 101 -8.29 -20.96 -9.29
N GLU F 102 -8.41 -19.73 -9.78
CA GLU F 102 -9.56 -18.88 -9.52
C GLU F 102 -10.07 -18.34 -10.86
N LEU F 103 -11.38 -18.36 -11.03
CA LEU F 103 -12.03 -17.72 -12.16
C LEU F 103 -12.45 -16.31 -11.73
N GLY F 104 -12.34 -15.37 -12.66
CA GLY F 104 -13.00 -14.08 -12.51
C GLY F 104 -14.50 -14.25 -12.72
N PRO F 105 -15.32 -13.24 -12.34
CA PRO F 105 -16.78 -13.35 -12.43
C PRO F 105 -17.29 -13.59 -13.85
N ASP F 106 -16.46 -13.29 -14.84
CA ASP F 106 -16.77 -13.53 -16.24
C ASP F 106 -16.41 -14.97 -16.63
N GLY F 107 -16.08 -15.80 -15.64
CA GLY F 107 -16.07 -17.25 -15.81
C GLY F 107 -14.75 -17.78 -16.38
N ARG F 108 -13.71 -16.95 -16.46
CA ARG F 108 -12.45 -17.36 -17.05
C ARG F 108 -11.30 -17.13 -16.08
N PHE F 109 -10.15 -17.76 -16.37
CA PHE F 109 -9.00 -17.81 -15.48
C PHE F 109 -8.50 -16.41 -15.13
N LEU F 110 -8.46 -16.13 -13.83
CA LEU F 110 -7.91 -14.90 -13.28
C LEU F 110 -6.49 -15.15 -12.80
N ARG F 111 -6.30 -16.19 -11.97
CA ARG F 111 -5.07 -16.34 -11.21
C ARG F 111 -4.87 -17.80 -10.83
N GLY F 112 -3.60 -18.19 -10.71
CA GLY F 112 -3.24 -19.48 -10.15
C GLY F 112 -2.20 -19.28 -9.07
N TYR F 113 -2.08 -20.23 -8.13
CA TYR F 113 -1.04 -20.16 -7.12
C TYR F 113 -0.64 -21.57 -6.74
N GLU F 114 0.59 -21.68 -6.23
CA GLU F 114 1.14 -22.89 -5.68
C GLU F 114 2.26 -22.55 -4.71
N GLN F 115 2.26 -23.15 -3.50
CA GLN F 115 3.34 -22.96 -2.56
C GLN F 115 3.49 -24.17 -1.66
N PHE F 116 4.75 -24.35 -1.22
CA PHE F 116 5.17 -25.33 -0.25
C PHE F 116 5.60 -24.67 1.06
N ALA F 117 5.29 -25.36 2.18
CA ALA F 117 5.77 -25.00 3.49
C ALA F 117 6.46 -26.19 4.14
N TYR F 118 7.59 -25.92 4.79
CA TYR F 118 8.23 -26.91 5.63
C TYR F 118 8.15 -26.43 7.08
N ASP F 119 7.66 -27.31 7.95
CA ASP F 119 7.55 -27.02 9.37
C ASP F 119 6.91 -25.65 9.62
N GLY F 120 5.83 -25.38 8.90
CA GLY F 120 4.90 -24.31 9.23
C GLY F 120 5.25 -22.96 8.63
N LYS F 121 6.31 -22.91 7.80
CA LYS F 121 6.85 -21.68 7.22
C LYS F 121 7.02 -21.88 5.71
N ASP F 122 6.86 -20.79 4.96
CA ASP F 122 7.16 -20.77 3.54
C ASP F 122 8.49 -21.48 3.26
N TYR F 123 8.53 -22.22 2.15
CA TYR F 123 9.74 -22.87 1.66
C TYR F 123 9.98 -22.48 0.20
N LEU F 124 9.06 -22.84 -0.68
CA LEU F 124 9.17 -22.62 -2.12
C LEU F 124 7.82 -22.16 -2.66
N THR F 125 7.84 -21.02 -3.36
CA THR F 125 6.63 -20.43 -3.88
C THR F 125 6.74 -20.27 -5.39
N LEU F 126 5.67 -20.62 -6.11
CA LEU F 126 5.53 -20.34 -7.53
C LEU F 126 5.15 -18.87 -7.70
N ASN F 127 5.95 -18.13 -8.49
CA ASN F 127 5.72 -16.70 -8.66
C ASN F 127 4.44 -16.47 -9.45
N GLU F 128 3.95 -15.22 -9.41
CA GLU F 128 2.68 -14.86 -10.04
C GLU F 128 2.73 -15.10 -11.55
N ASP F 129 3.93 -15.05 -12.17
CA ASP F 129 4.07 -15.35 -13.58
C ASP F 129 3.84 -16.84 -13.86
N LEU F 130 3.98 -17.70 -12.82
CA LEU F 130 3.81 -19.13 -12.96
C LEU F 130 4.94 -19.73 -13.81
N ARG F 131 6.03 -18.99 -13.96
CA ARG F 131 7.11 -19.43 -14.84
C ARG F 131 8.39 -19.64 -14.03
N SER F 132 8.39 -19.21 -12.76
CA SER F 132 9.57 -19.30 -11.92
C SER F 132 9.16 -19.39 -10.45
N TRP F 133 10.15 -19.66 -9.59
CA TRP F 133 9.94 -19.95 -8.17
C TRP F 133 10.69 -18.93 -7.33
N THR F 134 10.14 -18.64 -6.14
CA THR F 134 10.86 -17.93 -5.09
C THR F 134 11.20 -18.91 -3.98
N ALA F 135 12.47 -18.90 -3.57
CA ALA F 135 12.95 -19.76 -2.52
C ALA F 135 13.28 -18.92 -1.29
N VAL F 136 12.99 -19.42 -0.08
CA VAL F 136 13.20 -18.65 1.15
C VAL F 136 14.67 -18.69 1.62
N ASP F 137 15.44 -19.73 1.28
CA ASP F 137 16.77 -19.93 1.84
C ASP F 137 17.58 -20.83 0.90
N THR F 138 18.79 -21.22 1.31
CA THR F 138 19.72 -21.91 0.45
C THR F 138 19.26 -23.34 0.19
N ALA F 139 18.59 -23.96 1.18
CA ALA F 139 18.00 -25.28 0.95
C ALA F 139 16.96 -25.23 -0.16
N ALA F 140 16.03 -24.27 -0.05
CA ALA F 140 14.97 -24.12 -1.05
C ALA F 140 15.56 -23.74 -2.42
N GLN F 141 16.73 -23.11 -2.44
CA GLN F 141 17.37 -22.77 -3.71
C GLN F 141 17.80 -24.04 -4.47
N ILE F 142 18.17 -25.09 -3.72
CA ILE F 142 18.45 -26.38 -4.34
C ILE F 142 17.15 -26.94 -4.93
N SER F 143 16.06 -26.89 -4.18
CA SER F 143 14.77 -27.34 -4.70
C SER F 143 14.37 -26.54 -5.93
N GLU F 144 14.63 -25.23 -5.92
CA GLU F 144 14.43 -24.40 -7.10
C GLU F 144 15.26 -24.91 -8.29
N GLN F 145 16.53 -25.22 -8.06
CA GLN F 145 17.43 -25.73 -9.09
C GLN F 145 16.91 -27.05 -9.65
N LYS F 146 16.50 -27.96 -8.78
CA LYS F 146 15.92 -29.22 -9.24
C LYS F 146 14.68 -28.96 -10.07
N SER F 147 13.82 -28.04 -9.62
CA SER F 147 12.57 -27.80 -10.31
C SER F 147 12.82 -27.18 -11.68
N ASN F 148 13.88 -26.37 -11.82
CA ASN F 148 14.24 -25.76 -13.10
C ASN F 148 14.76 -26.83 -14.06
N ASP F 149 15.67 -27.70 -13.56
CA ASP F 149 16.14 -28.86 -14.32
C ASP F 149 14.98 -29.67 -14.90
N ALA F 150 13.86 -29.80 -14.15
CA ALA F 150 12.75 -30.66 -14.53
C ALA F 150 11.63 -29.92 -15.27
N SER F 151 11.74 -28.59 -15.40
CA SER F 151 10.72 -27.76 -16.03
C SER F 151 9.38 -27.90 -15.30
N GLU F 152 9.43 -28.04 -13.96
CA GLU F 152 8.23 -28.31 -13.18
C GLU F 152 7.30 -27.09 -13.21
N ALA F 153 7.84 -25.88 -13.30
CA ALA F 153 6.98 -24.70 -13.39
C ALA F 153 6.03 -24.78 -14.58
N GLU F 154 6.48 -25.36 -15.70
CA GLU F 154 5.65 -25.44 -16.89
C GLU F 154 4.56 -26.50 -16.73
N HIS F 155 4.90 -27.61 -16.07
CA HIS F 155 3.90 -28.62 -15.72
C HIS F 155 2.84 -27.98 -14.80
N GLN F 156 3.28 -27.18 -13.83
CA GLN F 156 2.37 -26.62 -12.84
C GLN F 156 1.51 -25.54 -13.50
N ARG F 157 2.16 -24.69 -14.33
CA ARG F 157 1.46 -23.66 -15.07
C ARG F 157 0.39 -24.26 -15.98
N ALA F 158 0.72 -25.37 -16.64
CA ALA F 158 -0.26 -26.08 -17.46
C ALA F 158 -1.44 -26.53 -16.61
N TYR F 159 -1.17 -27.01 -15.39
CA TYR F 159 -2.26 -27.53 -14.57
C TYR F 159 -3.17 -26.36 -14.15
N LEU F 160 -2.56 -25.27 -13.68
CA LEU F 160 -3.31 -24.17 -13.12
C LEU F 160 -4.14 -23.47 -14.19
N GLU F 161 -3.57 -23.26 -15.39
CA GLU F 161 -4.23 -22.48 -16.43
C GLU F 161 -5.23 -23.31 -17.23
N ASP F 162 -4.95 -24.59 -17.46
CA ASP F 162 -5.79 -25.43 -18.30
C ASP F 162 -6.60 -26.43 -17.47
N THR F 163 -5.94 -27.42 -16.86
CA THR F 163 -6.64 -28.56 -16.27
C THR F 163 -7.57 -28.09 -15.16
N CYS F 164 -7.02 -27.26 -14.26
CA CYS F 164 -7.70 -26.79 -13.08
C CYS F 164 -8.98 -26.07 -13.48
N VAL F 165 -8.88 -25.23 -14.53
CA VAL F 165 -10.02 -24.46 -15.00
C VAL F 165 -11.09 -25.38 -15.59
N GLU F 166 -10.65 -26.30 -16.45
CA GLU F 166 -11.51 -27.24 -17.13
C GLU F 166 -12.34 -28.04 -16.12
N TRP F 167 -11.70 -28.45 -15.03
CA TRP F 167 -12.34 -29.30 -14.05
C TRP F 167 -13.24 -28.49 -13.11
N LEU F 168 -12.83 -27.25 -12.81
CA LEU F 168 -13.65 -26.34 -12.03
C LEU F 168 -15.02 -26.16 -12.71
N HIS F 169 -15.03 -25.97 -14.04
CA HIS F 169 -16.28 -25.86 -14.80
C HIS F 169 -17.10 -27.14 -14.72
N LYS F 170 -16.44 -28.30 -14.80
CA LYS F 170 -17.17 -29.54 -14.66
C LYS F 170 -17.76 -29.64 -13.26
N TYR F 171 -17.04 -29.23 -12.22
CA TYR F 171 -17.55 -29.37 -10.86
C TYR F 171 -18.71 -28.40 -10.64
N LEU F 172 -18.56 -27.15 -11.09
CA LEU F 172 -19.63 -26.16 -11.00
C LEU F 172 -20.91 -26.60 -11.73
N GLU F 173 -20.78 -27.41 -12.80
CA GLU F 173 -21.93 -28.03 -13.45
C GLU F 173 -22.49 -29.13 -12.55
N LYS F 174 -21.61 -30.03 -12.09
CA LYS F 174 -22.02 -31.21 -11.34
C LYS F 174 -22.72 -30.82 -10.04
N GLY F 175 -22.33 -29.69 -9.43
CA GLY F 175 -22.88 -29.28 -8.15
C GLY F 175 -23.49 -27.88 -8.18
N LYS F 176 -24.13 -27.51 -9.31
CA LYS F 176 -24.69 -26.18 -9.48
C LYS F 176 -25.67 -25.84 -8.35
N GLU F 177 -26.60 -26.77 -8.11
CA GLU F 177 -27.71 -26.61 -7.19
C GLU F 177 -27.26 -26.06 -5.83
N THR F 178 -26.05 -26.42 -5.38
CA THR F 178 -25.59 -26.04 -4.05
C THR F 178 -24.41 -25.07 -4.11
N LEU F 179 -23.50 -25.23 -5.08
CA LEU F 179 -22.27 -24.44 -5.14
C LEU F 179 -22.57 -22.97 -5.50
N LEU F 180 -23.62 -22.76 -6.29
CA LEU F 180 -23.94 -21.43 -6.81
C LEU F 180 -25.00 -20.74 -5.96
N HIS F 181 -25.61 -21.46 -5.02
CA HIS F 181 -26.59 -20.89 -4.12
C HIS F 181 -25.88 -19.99 -3.11
N LEU F 182 -26.41 -18.78 -2.94
CA LEU F 182 -25.99 -17.90 -1.85
C LEU F 182 -27.00 -18.07 -0.73
N GLU F 183 -26.51 -18.43 0.46
CA GLU F 183 -27.37 -18.62 1.62
C GLU F 183 -27.15 -17.41 2.52
N PRO F 184 -28.11 -16.47 2.60
CA PRO F 184 -27.93 -15.27 3.42
C PRO F 184 -27.96 -15.61 4.90
N PRO F 185 -27.30 -14.81 5.77
CA PRO F 185 -27.33 -15.04 7.21
C PRO F 185 -28.71 -14.84 7.81
N LYS F 186 -29.06 -15.72 8.76
CA LYS F 186 -30.14 -15.48 9.70
C LYS F 186 -29.54 -14.69 10.86
N THR F 187 -30.13 -13.54 11.19
CA THR F 187 -29.46 -12.67 12.14
C THR F 187 -30.37 -12.40 13.34
N HIS F 188 -29.73 -12.20 14.50
CA HIS F 188 -30.41 -11.79 15.72
C HIS F 188 -29.42 -11.21 16.73
N VAL F 189 -29.97 -10.51 17.73
CA VAL F 189 -29.20 -9.94 18.82
C VAL F 189 -29.64 -10.61 20.14
N THR F 190 -28.66 -10.88 21.01
CA THR F 190 -28.91 -11.30 22.37
C THR F 190 -28.44 -10.19 23.30
N HIS F 191 -28.99 -10.19 24.51
CA HIS F 191 -28.85 -9.10 25.46
C HIS F 191 -28.81 -9.72 26.84
N HIS F 192 -27.68 -9.56 27.54
CA HIS F 192 -27.48 -10.14 28.86
C HIS F 192 -26.82 -9.10 29.77
N PRO F 193 -27.44 -8.76 30.93
CA PRO F 193 -26.75 -7.92 31.93
C PRO F 193 -25.49 -8.58 32.46
N ILE F 194 -24.44 -7.76 32.62
CA ILE F 194 -23.18 -8.14 33.22
C ILE F 194 -23.08 -7.56 34.64
N SER F 195 -23.73 -6.41 34.85
CA SER F 195 -23.89 -5.80 36.16
C SER F 195 -25.10 -4.85 36.12
N ASP F 196 -25.29 -4.09 37.21
CA ASP F 196 -26.42 -3.18 37.35
C ASP F 196 -26.46 -2.14 36.22
N HIS F 197 -25.29 -1.78 35.66
CA HIS F 197 -25.17 -0.65 34.75
C HIS F 197 -24.64 -1.05 33.36
N GLU F 198 -24.06 -2.26 33.20
CA GLU F 198 -23.56 -2.72 31.91
C GLU F 198 -24.27 -3.99 31.44
N ALA F 199 -24.44 -4.10 30.11
CA ALA F 199 -25.03 -5.26 29.44
C ALA F 199 -24.23 -5.65 28.19
N THR F 200 -24.25 -6.95 27.84
CA THR F 200 -23.64 -7.44 26.61
C THR F 200 -24.67 -7.45 25.48
N LEU F 201 -24.32 -6.85 24.35
CA LEU F 201 -25.07 -7.00 23.12
C LEU F 201 -24.24 -7.90 22.21
N ARG F 202 -24.82 -9.04 21.80
CA ARG F 202 -24.15 -9.94 20.87
C ARG F 202 -24.97 -10.03 19.59
N CYS F 203 -24.31 -9.74 18.48
CA CYS F 203 -24.92 -9.80 17.17
C CYS F 203 -24.48 -11.10 16.48
N TRP F 204 -25.48 -11.89 16.07
CA TRP F 204 -25.28 -13.22 15.49
C TRP F 204 -25.60 -13.25 14.02
N ALA F 205 -24.77 -13.98 13.27
CA ALA F 205 -25.07 -14.37 11.91
C ALA F 205 -24.95 -15.88 11.82
N LEU F 206 -26.02 -16.53 11.33
CA LEU F 206 -26.08 -17.99 11.32
C LEU F 206 -26.54 -18.49 9.95
N GLY F 207 -26.00 -19.66 9.61
CA GLY F 207 -26.49 -20.47 8.51
C GLY F 207 -26.15 -19.89 7.13
N PHE F 208 -25.03 -19.16 7.00
CA PHE F 208 -24.72 -18.45 5.77
C PHE F 208 -23.66 -19.20 4.97
N TYR F 209 -23.64 -18.91 3.67
CA TYR F 209 -22.69 -19.46 2.72
C TYR F 209 -22.64 -18.51 1.54
N PRO F 210 -21.46 -18.07 1.06
CA PRO F 210 -20.16 -18.53 1.54
C PRO F 210 -19.76 -17.92 2.88
N ALA F 211 -18.53 -18.20 3.31
CA ALA F 211 -18.05 -17.87 4.65
C ALA F 211 -17.77 -16.38 4.81
N GLU F 212 -17.40 -15.67 3.73
CA GLU F 212 -17.08 -14.25 3.80
C GLU F 212 -18.27 -13.49 4.35
N ILE F 213 -18.03 -12.67 5.37
CA ILE F 213 -19.06 -11.88 6.02
C ILE F 213 -18.39 -10.72 6.76
N THR F 214 -19.11 -9.62 6.94
CA THR F 214 -18.68 -8.55 7.83
C THR F 214 -19.78 -8.26 8.85
N LEU F 215 -19.38 -8.27 10.13
CA LEU F 215 -20.20 -7.85 11.25
C LEU F 215 -19.57 -6.64 11.94
N THR F 216 -20.32 -5.54 12.07
CA THR F 216 -19.85 -4.38 12.80
C THR F 216 -20.92 -3.89 13.78
N TRP F 217 -20.46 -3.26 14.88
CA TRP F 217 -21.33 -2.50 15.76
C TRP F 217 -20.99 -1.01 15.64
N GLN F 218 -22.03 -0.17 15.72
CA GLN F 218 -21.87 1.26 15.56
C GLN F 218 -22.80 1.96 16.55
N GLN F 219 -22.28 2.94 17.30
CA GLN F 219 -23.05 3.68 18.30
C GLN F 219 -23.46 5.01 17.70
N ASP F 220 -24.74 5.38 17.88
CA ASP F 220 -25.31 6.63 17.37
C ASP F 220 -24.45 7.82 17.78
N GLY F 221 -24.29 8.75 16.84
CA GLY F 221 -23.65 10.03 17.07
C GLY F 221 -22.12 9.96 17.21
N GLU F 222 -21.52 8.75 17.18
CA GLU F 222 -20.08 8.63 17.30
C GLU F 222 -19.39 8.88 15.97
N GLY F 223 -20.04 8.46 14.86
CA GLY F 223 -19.55 8.72 13.52
C GLY F 223 -18.48 7.73 13.08
N HIS F 224 -18.51 6.54 13.70
CA HIS F 224 -17.66 5.42 13.30
C HIS F 224 -18.16 4.17 14.02
N THR F 225 -17.71 3.01 13.56
CA THR F 225 -18.00 1.76 14.23
C THR F 225 -17.13 1.65 15.48
N GLN F 226 -17.37 0.58 16.25
CA GLN F 226 -16.71 0.36 17.51
C GLN F 226 -15.87 -0.91 17.42
N ASP F 227 -14.77 -0.97 18.17
CA ASP F 227 -14.03 -2.22 18.29
C ASP F 227 -14.86 -3.23 19.07
N THR F 228 -14.82 -4.51 18.68
CA THR F 228 -15.73 -5.49 19.23
C THR F 228 -14.96 -6.73 19.68
N GLU F 229 -15.61 -7.55 20.50
CA GLU F 229 -15.22 -8.96 20.67
C GLU F 229 -15.80 -9.71 19.49
N LEU F 230 -14.93 -10.27 18.64
CA LEU F 230 -15.29 -10.83 17.35
C LEU F 230 -14.72 -12.24 17.30
N VAL F 231 -15.56 -13.27 17.10
CA VAL F 231 -15.02 -14.61 16.95
C VAL F 231 -14.69 -14.86 15.48
N GLU F 232 -13.73 -15.76 15.26
CA GLU F 232 -13.42 -16.26 13.94
C GLU F 232 -14.68 -16.93 13.35
N THR F 233 -14.90 -16.73 12.05
CA THR F 233 -15.99 -17.39 11.35
C THR F 233 -15.78 -18.89 11.48
N ARG F 234 -16.85 -19.61 11.76
CA ARG F 234 -16.71 -21.00 12.17
C ARG F 234 -17.72 -21.84 11.41
N PRO F 235 -17.41 -23.12 11.13
CA PRO F 235 -18.37 -23.98 10.44
C PRO F 235 -19.48 -24.49 11.34
N ALA F 236 -20.70 -24.58 10.79
CA ALA F 236 -21.84 -25.10 11.55
C ALA F 236 -21.83 -26.63 11.56
N GLY F 237 -21.25 -27.20 10.50
CA GLY F 237 -21.10 -28.64 10.37
C GLY F 237 -21.99 -29.19 9.26
N ASP F 238 -22.84 -28.32 8.67
CA ASP F 238 -23.78 -28.69 7.63
C ASP F 238 -23.47 -27.98 6.31
N GLY F 239 -22.26 -27.43 6.21
CA GLY F 239 -21.85 -26.69 5.03
C GLY F 239 -22.15 -25.19 5.09
N THR F 240 -22.76 -24.68 6.18
CA THR F 240 -22.87 -23.24 6.37
C THR F 240 -21.94 -22.77 7.49
N PHE F 241 -21.97 -21.45 7.77
CA PHE F 241 -21.01 -20.80 8.65
C PHE F 241 -21.73 -19.93 9.67
N GLN F 242 -21.01 -19.59 10.73
CA GLN F 242 -21.52 -18.78 11.83
C GLN F 242 -20.49 -17.75 12.25
N LYS F 243 -20.96 -16.61 12.81
CA LYS F 243 -20.08 -15.63 13.43
C LYS F 243 -20.90 -14.76 14.36
N TRP F 244 -20.25 -14.16 15.34
CA TRP F 244 -20.88 -13.15 16.16
C TRP F 244 -19.88 -12.08 16.53
N ALA F 245 -20.43 -10.91 16.89
CA ALA F 245 -19.68 -9.79 17.43
C ALA F 245 -20.38 -9.25 18.66
N ALA F 246 -19.62 -8.91 19.72
CA ALA F 246 -20.25 -8.39 20.93
C ALA F 246 -19.61 -7.11 21.43
N VAL F 247 -20.44 -6.34 22.13
CA VAL F 247 -20.00 -5.12 22.80
C VAL F 247 -20.65 -5.11 24.17
N VAL F 248 -19.97 -4.46 25.13
CA VAL F 248 -20.55 -4.17 26.43
C VAL F 248 -21.01 -2.71 26.42
N VAL F 249 -22.28 -2.46 26.77
CA VAL F 249 -22.85 -1.13 26.69
C VAL F 249 -23.46 -0.75 28.05
N PRO F 250 -23.80 0.54 28.29
CA PRO F 250 -24.54 0.95 29.49
C PRO F 250 -26.04 0.61 29.40
N SER F 251 -26.61 0.16 30.52
CA SER F 251 -28.01 -0.21 30.62
C SER F 251 -28.91 0.96 30.22
N GLY F 252 -29.89 0.69 29.35
CA GLY F 252 -30.82 1.72 28.91
C GLY F 252 -30.42 2.35 27.58
N GLU F 253 -29.17 2.10 27.11
CA GLU F 253 -28.67 2.75 25.90
C GLU F 253 -28.63 1.80 24.69
N GLU F 254 -29.16 0.58 24.84
CA GLU F 254 -29.03 -0.44 23.82
C GLU F 254 -29.49 0.11 22.46
N GLN F 255 -30.53 0.96 22.44
CA GLN F 255 -31.13 1.46 21.20
C GLN F 255 -30.18 2.35 20.42
N ARG F 256 -29.11 2.81 21.06
CA ARG F 256 -28.13 3.66 20.40
C ARG F 256 -27.08 2.85 19.65
N TYR F 257 -27.11 1.50 19.77
CA TYR F 257 -26.18 0.63 19.07
C TYR F 257 -26.90 -0.16 17.98
N THR F 258 -26.31 -0.18 16.79
CA THR F 258 -26.81 -0.93 15.64
C THR F 258 -25.73 -1.90 15.16
N CYS F 259 -26.14 -3.12 14.86
CA CYS F 259 -25.28 -4.11 14.23
C CYS F 259 -25.54 -4.12 12.73
N HIS F 260 -24.45 -4.12 11.97
CA HIS F 260 -24.48 -4.09 10.52
C HIS F 260 -23.89 -5.41 10.04
N VAL F 261 -24.60 -6.06 9.11
CA VAL F 261 -24.22 -7.36 8.59
C VAL F 261 -24.19 -7.28 7.07
N GLN F 262 -22.99 -7.53 6.50
CA GLN F 262 -22.75 -7.49 5.07
C GLN F 262 -22.40 -8.91 4.61
N HIS F 263 -23.18 -9.43 3.65
CA HIS F 263 -22.94 -10.74 3.07
C HIS F 263 -23.44 -10.75 1.63
N GLU F 264 -22.75 -11.53 0.78
CA GLU F 264 -23.01 -11.60 -0.65
C GLU F 264 -24.44 -12.04 -0.97
N GLY F 265 -25.13 -12.72 -0.04
CA GLY F 265 -26.45 -13.28 -0.27
C GLY F 265 -27.57 -12.35 0.18
N LEU F 266 -27.20 -11.20 0.75
CA LEU F 266 -28.16 -10.18 1.12
C LEU F 266 -28.25 -9.15 -0.01
N PRO F 267 -29.47 -8.84 -0.50
CA PRO F 267 -29.66 -7.78 -1.48
C PRO F 267 -29.02 -6.48 -0.96
N GLU F 268 -29.37 -6.11 0.28
CA GLU F 268 -28.85 -4.91 0.92
C GLU F 268 -28.29 -5.25 2.31
N PRO F 269 -27.20 -4.60 2.77
CA PRO F 269 -26.71 -4.78 4.13
C PRO F 269 -27.84 -4.71 5.16
N VAL F 270 -27.86 -5.64 6.11
CA VAL F 270 -28.88 -5.70 7.13
C VAL F 270 -28.42 -4.90 8.34
N THR F 271 -29.39 -4.25 9.01
CA THR F 271 -29.15 -3.55 10.26
C THR F 271 -30.09 -4.12 11.30
N LEU F 272 -29.57 -4.39 12.51
CA LEU F 272 -30.36 -4.86 13.64
C LEU F 272 -29.99 -4.05 14.86
N ARG F 273 -30.93 -4.01 15.80
CA ARG F 273 -30.73 -3.37 17.08
C ARG F 273 -31.47 -4.18 18.13
N TRP F 274 -31.11 -3.95 19.38
CA TRP F 274 -31.90 -4.40 20.50
C TRP F 274 -32.96 -3.34 20.81
N MET G 1 10.09 -26.61 15.03
CA MET G 1 10.65 -25.43 15.74
C MET G 1 9.55 -24.41 16.03
N ILE G 2 8.79 -24.06 14.99
CA ILE G 2 7.59 -23.24 15.13
C ILE G 2 6.49 -24.03 15.83
N GLN G 3 5.80 -23.36 16.74
CA GLN G 3 4.62 -23.92 17.38
C GLN G 3 3.57 -22.83 17.39
N ARG G 4 2.31 -23.23 17.20
CA ARG G 4 1.20 -22.29 17.25
C ARG G 4 0.09 -22.90 18.09
N THR G 5 -0.36 -22.15 19.10
CA THR G 5 -1.33 -22.69 20.04
C THR G 5 -2.71 -22.56 19.41
N PRO G 6 -3.58 -23.59 19.52
CA PRO G 6 -4.92 -23.53 18.93
C PRO G 6 -5.83 -22.49 19.59
N LYS G 7 -6.68 -21.88 18.76
CA LYS G 7 -7.92 -21.28 19.21
C LYS G 7 -8.95 -22.40 19.24
N ILE G 8 -9.90 -22.28 20.18
CA ILE G 8 -10.92 -23.28 20.45
C ILE G 8 -12.26 -22.56 20.57
N GLN G 9 -13.26 -23.01 19.81
CA GLN G 9 -14.64 -22.59 19.97
C GLN G 9 -15.54 -23.80 20.13
N VAL G 10 -16.44 -23.75 21.14
CA VAL G 10 -17.37 -24.84 21.37
C VAL G 10 -18.76 -24.26 21.23
N TYR G 11 -19.61 -24.90 20.44
CA TYR G 11 -20.91 -24.34 20.15
C TYR G 11 -21.84 -25.38 19.53
N SER G 12 -23.12 -25.03 19.42
CA SER G 12 -24.08 -25.92 18.75
C SER G 12 -24.31 -25.49 17.31
N ARG G 13 -24.73 -26.46 16.50
CA ARG G 13 -25.03 -26.22 15.10
C ARG G 13 -26.22 -25.27 15.01
N HIS G 14 -27.24 -25.46 15.87
CA HIS G 14 -28.42 -24.59 15.94
C HIS G 14 -28.55 -24.07 17.37
N PRO G 15 -29.22 -22.90 17.63
CA PRO G 15 -29.41 -22.42 18.99
C PRO G 15 -30.05 -23.49 19.85
N ALA G 16 -29.51 -23.68 21.05
CA ALA G 16 -29.88 -24.83 21.85
C ALA G 16 -31.33 -24.71 22.28
N GLU G 17 -32.08 -25.79 22.09
CA GLU G 17 -33.44 -25.92 22.62
C GLU G 17 -33.48 -27.19 23.46
N ASN G 18 -33.62 -27.03 24.78
CA ASN G 18 -33.67 -28.18 25.68
C ASN G 18 -34.67 -29.21 25.14
N GLY G 19 -34.24 -30.48 25.04
CA GLY G 19 -35.10 -31.57 24.61
C GLY G 19 -35.13 -31.79 23.09
N LYS G 20 -34.43 -30.96 22.30
CA LYS G 20 -34.43 -31.09 20.86
C LYS G 20 -33.02 -31.44 20.36
N SER G 21 -32.96 -32.41 19.42
CA SER G 21 -31.72 -32.92 18.87
C SER G 21 -30.98 -31.81 18.11
N ASN G 22 -29.65 -31.90 18.16
CA ASN G 22 -28.75 -30.83 17.73
C ASN G 22 -27.40 -31.48 17.43
N PHE G 23 -26.37 -30.67 17.15
CA PHE G 23 -24.99 -31.13 17.07
C PHE G 23 -24.11 -30.23 17.91
N LEU G 24 -23.25 -30.83 18.71
CA LEU G 24 -22.26 -30.09 19.48
C LEU G 24 -20.95 -30.09 18.70
N ASN G 25 -20.38 -28.89 18.54
CA ASN G 25 -19.17 -28.70 17.74
C ASN G 25 -18.02 -28.24 18.62
N CYS G 26 -16.82 -28.71 18.29
CA CYS G 26 -15.60 -28.10 18.79
C CYS G 26 -14.69 -27.79 17.61
N TYR G 27 -14.47 -26.49 17.36
CA TYR G 27 -13.69 -26.03 16.22
C TYR G 27 -12.32 -25.61 16.76
N VAL G 28 -11.27 -26.27 16.27
CA VAL G 28 -9.91 -25.92 16.66
C VAL G 28 -9.18 -25.42 15.42
N SER G 29 -8.49 -24.30 15.59
CA SER G 29 -7.89 -23.65 14.44
C SER G 29 -6.62 -22.91 14.83
N GLY G 30 -5.85 -22.56 13.80
CA GLY G 30 -4.66 -21.76 13.94
C GLY G 30 -3.52 -22.50 14.65
N PHE G 31 -3.48 -23.84 14.58
CA PHE G 31 -2.48 -24.56 15.36
C PHE G 31 -1.42 -25.19 14.46
N HIS G 32 -0.27 -25.47 15.08
CA HIS G 32 0.85 -26.12 14.42
C HIS G 32 1.77 -26.63 15.52
N PRO G 33 2.28 -27.88 15.48
CA PRO G 33 2.00 -28.84 14.41
C PRO G 33 0.61 -29.46 14.42
N SER G 34 0.35 -30.38 13.47
CA SER G 34 -1.00 -30.85 13.24
C SER G 34 -1.42 -31.89 14.28
N ASP G 35 -0.47 -32.50 15.01
CA ASP G 35 -0.83 -33.52 15.99
C ASP G 35 -1.66 -32.86 17.10
N ILE G 36 -2.90 -33.34 17.29
CA ILE G 36 -3.80 -32.76 18.28
C ILE G 36 -4.78 -33.83 18.72
N GLU G 37 -5.24 -33.75 19.97
CA GLU G 37 -6.38 -34.54 20.41
C GLU G 37 -7.50 -33.60 20.83
N VAL G 38 -8.72 -33.90 20.37
CA VAL G 38 -9.89 -33.11 20.69
C VAL G 38 -10.96 -34.08 21.16
N ASP G 39 -11.39 -33.90 22.40
CA ASP G 39 -12.42 -34.73 23.00
C ASP G 39 -13.61 -33.86 23.38
N LEU G 40 -14.81 -34.37 23.10
CA LEU G 40 -16.01 -33.71 23.60
C LEU G 40 -16.45 -34.42 24.87
N LEU G 41 -16.84 -33.62 25.87
CA LEU G 41 -17.18 -34.12 27.20
C LEU G 41 -18.64 -33.86 27.49
N LYS G 42 -19.30 -34.86 28.11
CA LYS G 42 -20.63 -34.70 28.67
C LYS G 42 -20.55 -34.96 30.17
N ASN G 43 -20.87 -33.95 30.99
CA ASN G 43 -20.75 -34.00 32.45
C ASN G 43 -19.40 -34.58 32.88
N GLY G 44 -18.32 -34.05 32.28
CA GLY G 44 -16.98 -34.45 32.66
C GLY G 44 -16.49 -35.71 31.95
N GLU G 45 -17.34 -36.41 31.20
CA GLU G 45 -16.99 -37.73 30.70
C GLU G 45 -16.87 -37.69 29.18
N ARG G 46 -15.77 -38.22 28.68
CA ARG G 46 -15.45 -38.15 27.27
C ARG G 46 -16.45 -38.99 26.50
N ILE G 47 -17.09 -38.38 25.49
CA ILE G 47 -17.93 -39.09 24.53
C ILE G 47 -17.02 -39.95 23.65
N GLU G 48 -17.29 -41.26 23.61
CA GLU G 48 -16.32 -42.20 23.06
C GLU G 48 -16.21 -42.06 21.55
N LYS G 49 -17.34 -41.89 20.86
CA LYS G 49 -17.31 -41.80 19.41
C LYS G 49 -17.75 -40.39 18.99
N VAL G 50 -16.80 -39.63 18.45
CA VAL G 50 -17.09 -38.34 17.85
C VAL G 50 -16.45 -38.32 16.47
N GLU G 51 -16.98 -37.49 15.59
CA GLU G 51 -16.49 -37.43 14.21
C GLU G 51 -15.74 -36.11 14.02
N HIS G 52 -14.91 -36.07 12.97
CA HIS G 52 -14.15 -34.87 12.72
C HIS G 52 -13.97 -34.70 11.22
N SER G 53 -13.70 -33.46 10.85
CA SER G 53 -13.45 -33.05 9.49
C SER G 53 -12.06 -33.56 9.07
N ASP G 54 -11.82 -33.57 7.77
CA ASP G 54 -10.51 -33.87 7.24
C ASP G 54 -9.56 -32.71 7.50
N LEU G 55 -8.31 -33.04 7.89
CA LEU G 55 -7.29 -32.07 8.19
C LEU G 55 -7.07 -31.14 7.00
N SER G 56 -7.10 -29.84 7.25
CA SER G 56 -6.87 -28.83 6.22
C SER G 56 -6.18 -27.65 6.91
N PHE G 57 -5.78 -26.64 6.13
CA PHE G 57 -5.06 -25.52 6.70
C PHE G 57 -5.40 -24.23 5.94
N SER G 58 -5.07 -23.11 6.57
CA SER G 58 -5.39 -21.80 6.04
C SER G 58 -4.17 -21.27 5.31
N LYS G 59 -4.26 -20.05 4.78
CA LYS G 59 -3.24 -19.49 3.92
C LYS G 59 -1.96 -19.22 4.70
N ASP G 60 -2.06 -19.10 6.04
CA ASP G 60 -0.91 -18.92 6.90
C ASP G 60 -0.28 -20.24 7.32
N TRP G 61 -0.79 -21.36 6.78
CA TRP G 61 -0.28 -22.72 7.01
C TRP G 61 -0.81 -23.38 8.29
N SER G 62 -1.52 -22.63 9.15
CA SER G 62 -1.96 -23.22 10.40
C SER G 62 -3.17 -24.12 10.12
N PHE G 63 -3.33 -25.16 10.94
CA PHE G 63 -4.31 -26.19 10.70
C PHE G 63 -5.67 -25.84 11.32
N TYR G 64 -6.72 -26.47 10.82
CA TYR G 64 -8.01 -26.42 11.49
C TYR G 64 -8.75 -27.73 11.31
N LEU G 65 -9.61 -28.02 12.30
CA LEU G 65 -10.42 -29.22 12.39
C LEU G 65 -11.72 -28.88 13.11
N LEU G 66 -12.80 -29.52 12.66
CA LEU G 66 -14.05 -29.55 13.38
C LEU G 66 -14.32 -30.96 13.91
N TYR G 67 -14.56 -31.02 15.24
CA TYR G 67 -15.04 -32.22 15.92
C TYR G 67 -16.51 -32.00 16.30
N TYR G 68 -17.34 -33.03 16.14
CA TYR G 68 -18.76 -32.86 16.31
C TYR G 68 -19.43 -34.18 16.69
N THR G 69 -20.55 -34.06 17.39
CA THR G 69 -21.37 -35.21 17.75
C THR G 69 -22.81 -34.76 17.84
N GLU G 70 -23.72 -35.68 17.54
CA GLU G 70 -25.16 -35.47 17.75
C GLU G 70 -25.42 -35.41 19.25
N PHE G 71 -26.29 -34.49 19.71
CA PHE G 71 -26.63 -34.43 21.13
C PHE G 71 -28.00 -33.80 21.31
N THR G 72 -28.62 -34.07 22.46
CA THR G 72 -29.87 -33.44 22.85
C THR G 72 -29.63 -32.67 24.13
N PRO G 73 -29.55 -31.33 24.11
CA PRO G 73 -29.20 -30.56 25.31
C PRO G 73 -30.35 -30.58 26.30
N THR G 74 -30.01 -30.41 27.60
CA THR G 74 -31.00 -30.23 28.66
C THR G 74 -30.47 -29.16 29.62
N GLU G 75 -31.32 -28.65 30.52
CA GLU G 75 -30.86 -27.65 31.48
C GLU G 75 -29.82 -28.28 32.41
N LYS G 76 -29.98 -29.58 32.65
CA LYS G 76 -29.17 -30.35 33.58
C LYS G 76 -27.74 -30.53 33.07
N ASP G 77 -27.57 -30.87 31.79
CA ASP G 77 -26.32 -31.45 31.31
C ASP G 77 -25.29 -30.37 30.99
N GLU G 78 -24.04 -30.61 31.39
CA GLU G 78 -22.91 -29.74 31.06
C GLU G 78 -22.06 -30.40 29.96
N TYR G 79 -21.58 -29.60 29.01
CA TYR G 79 -20.73 -30.09 27.93
C TYR G 79 -19.50 -29.21 27.83
N ALA G 80 -18.44 -29.80 27.25
CA ALA G 80 -17.18 -29.11 27.10
C ALA G 80 -16.34 -29.75 26.01
N CYS G 81 -15.27 -29.05 25.64
CA CYS G 81 -14.28 -29.55 24.71
C CYS G 81 -12.91 -29.55 25.41
N ARG G 82 -12.20 -30.68 25.36
CA ARG G 82 -10.84 -30.81 25.89
C ARG G 82 -9.81 -30.95 24.76
N VAL G 83 -8.81 -30.06 24.75
CA VAL G 83 -7.83 -30.05 23.66
C VAL G 83 -6.45 -30.36 24.22
N ASN G 84 -5.79 -31.34 23.62
CA ASN G 84 -4.42 -31.71 23.97
C ASN G 84 -3.54 -31.38 22.77
N HIS G 85 -2.53 -30.55 23.01
CA HIS G 85 -1.63 -30.07 21.96
C HIS G 85 -0.32 -29.75 22.67
N VAL G 86 0.78 -29.79 21.92
CA VAL G 86 2.12 -29.65 22.47
C VAL G 86 2.33 -28.26 23.08
N THR G 87 1.56 -27.26 22.62
CA THR G 87 1.68 -25.90 23.13
C THR G 87 1.02 -25.70 24.48
N LEU G 88 0.28 -26.71 24.95
CA LEU G 88 -0.43 -26.64 26.22
C LEU G 88 0.19 -27.62 27.22
N SER G 89 0.73 -27.10 28.33
CA SER G 89 1.34 -27.93 29.36
C SER G 89 0.31 -28.87 30.00
N GLN G 90 -0.95 -28.42 30.06
CA GLN G 90 -2.05 -29.29 30.45
C GLN G 90 -3.16 -29.10 29.43
N PRO G 91 -3.95 -30.15 29.11
CA PRO G 91 -5.09 -29.98 28.20
C PRO G 91 -6.02 -28.84 28.59
N LYS G 92 -6.52 -28.15 27.57
CA LYS G 92 -7.38 -27.00 27.82
C LYS G 92 -8.83 -27.47 27.68
N ILE G 93 -9.63 -27.19 28.69
CA ILE G 93 -11.03 -27.55 28.71
C ILE G 93 -11.84 -26.27 28.56
N VAL G 94 -12.69 -26.26 27.53
CA VAL G 94 -13.53 -25.09 27.25
C VAL G 94 -14.97 -25.53 27.36
N LYS G 95 -15.70 -24.85 28.25
CA LYS G 95 -17.08 -25.18 28.52
C LYS G 95 -17.97 -24.62 27.43
N TRP G 96 -18.99 -25.40 27.05
CA TRP G 96 -20.04 -24.95 26.17
C TRP G 96 -20.92 -23.92 26.87
N ASP G 97 -20.96 -22.71 26.28
CA ASP G 97 -21.86 -21.64 26.67
C ASP G 97 -22.87 -21.49 25.54
N ARG G 98 -24.16 -21.65 25.87
CA ARG G 98 -25.23 -21.59 24.89
C ARG G 98 -25.26 -20.25 24.17
N ASP G 99 -24.64 -19.23 24.77
CA ASP G 99 -24.68 -17.85 24.28
C ASP G 99 -23.39 -17.47 23.54
N MET G 100 -22.58 -18.46 23.10
CA MET G 100 -21.27 -18.14 22.52
C MET G 100 -20.88 -19.09 21.36
N VAL H 1 -9.73 -31.96 -10.29
CA VAL H 1 -8.67 -33.01 -10.22
C VAL H 1 -7.36 -32.39 -9.75
N MET H 2 -6.51 -33.23 -9.13
CA MET H 2 -5.24 -32.76 -8.63
C MET H 2 -4.17 -32.96 -9.69
N PRO H 3 -2.99 -32.34 -9.54
CA PRO H 3 -1.92 -32.50 -10.50
C PRO H 3 -1.48 -33.95 -10.68
N LEU H 4 -1.04 -34.24 -11.90
CA LEU H 4 -0.46 -35.53 -12.27
C LEU H 4 1.00 -35.59 -11.84
N SER H 5 1.56 -34.45 -11.39
CA SER H 5 2.93 -34.38 -10.93
C SER H 5 3.01 -33.42 -9.74
N ALA H 6 3.93 -33.72 -8.82
CA ALA H 6 4.23 -32.83 -7.71
C ALA H 6 5.74 -32.62 -7.65
N PRO H 7 6.24 -31.39 -7.42
CA PRO H 7 7.68 -31.15 -7.32
C PRO H 7 8.47 -32.03 -6.34
N THR H 8 9.62 -32.49 -6.82
CA THR H 8 10.61 -33.15 -5.99
C THR H 8 11.56 -32.08 -5.44
N LEU H 9 11.60 -31.97 -4.11
CA LEU H 9 12.36 -30.91 -3.47
C LEU H 9 13.83 -31.34 -3.30
N VAL I 1 -4.38 -1.70 11.93
CA VAL I 1 -5.41 -0.60 12.00
C VAL I 1 -5.31 0.05 13.37
N MET I 2 -5.69 1.32 13.45
CA MET I 2 -5.65 2.05 14.70
C MET I 2 -7.00 1.96 15.40
N PRO I 3 -7.08 2.32 16.70
CA PRO I 3 -8.30 2.14 17.48
C PRO I 3 -9.38 3.01 16.87
N LEU I 4 -10.63 2.54 16.97
CA LEU I 4 -11.77 3.29 16.49
C LEU I 4 -12.25 4.31 17.51
N SER I 5 -11.75 4.20 18.75
CA SER I 5 -12.04 5.20 19.78
C SER I 5 -10.75 5.90 20.18
N ALA I 6 -10.75 7.25 20.12
CA ALA I 6 -9.68 8.09 20.64
C ALA I 6 -10.10 8.70 21.98
N PRO I 7 -9.46 8.38 23.12
CA PRO I 7 -9.86 8.90 24.42
C PRO I 7 -9.90 10.42 24.57
N THR I 8 -11.00 10.91 25.17
CA THR I 8 -11.14 12.32 25.55
C THR I 8 -10.50 12.48 26.93
N LEU I 9 -9.63 13.48 27.10
CA LEU I 9 -8.96 13.68 28.38
C LEU I 9 -9.65 14.82 29.19
#